data_1NOV
#
_entry.id   1NOV
#
_cell.length_a   562.090
_cell.length_b   354.130
_cell.length_c   612.770
_cell.angle_alpha   90.00
_cell.angle_beta   110.89
_cell.angle_gamma   90.00
#
_symmetry.space_group_name_H-M   'P 1 21 1'
#
loop_
_entity.id
_entity.type
_entity.pdbx_description
1 polymer 'NODAMURA VIRUS COAT PROTEINS'
2 polymer 'NODAMURA VIRUS COAT PROTEINS'
#
loop_
_entity_poly.entity_id
_entity_poly.type
_entity_poly.pdbx_seq_one_letter_code
_entity_poly.pdbx_strand_id
1 'polypeptide(L)'
;MVSKAARRRRAAPRQQQRQQSNRASNQPRRRRARRTRRQQRMAATNNMLKMSAPGLDFLKCAFASPDFSTDPGKGIPDKF
QGLVLPKKHCLTQSITFTPGKQTMLLVAPIPGIACLKAEANVGASFSGVPLASVEFPGFDQLFGTSATDTAANVTAFRYA
SMAAGVYPTSNLMQFAGSIQVYKIPLKQVLNSYSQTVATVPPTNLAQNTIAIDGLEALDALPNNNYSGSFIEGCYSQSVC
NEPEFEFHPIMEGYASVPPANVTNAQASMFTNLTFSGARYTGLGDMDAIAILVTTPTGAVNTAVLKVWACVEYRPNPNST
LYEFARESPANDEYALAAYRKIARDIPIAVACKDN
;
A,B,C
2 'polypeptide(L)' ATFWERVRSILKSGLNFASTIPGPVGVAATGIKGIIETIGSLWV D,E,F
#
# COMPACT_ATOMS: atom_id res chain seq x y z
N ASN A 47 14.76 -1.30 -34.91
CA ASN A 47 15.68 -1.07 -33.75
C ASN A 47 15.24 -1.90 -32.54
N MET A 48 14.59 -3.04 -32.80
CA MET A 48 14.09 -3.96 -31.77
C MET A 48 13.63 -3.30 -30.46
N LEU A 49 14.57 -3.17 -29.52
CA LEU A 49 14.28 -2.57 -28.23
C LEU A 49 15.37 -1.63 -27.73
N LYS A 50 15.01 -0.35 -27.63
CA LYS A 50 15.89 0.69 -27.13
C LYS A 50 15.07 1.39 -26.06
N MET A 51 15.59 2.47 -25.49
CA MET A 51 14.83 3.20 -24.49
C MET A 51 13.77 4.05 -25.15
N SER A 52 12.54 3.94 -24.65
CA SER A 52 11.47 4.74 -25.17
C SER A 52 11.87 6.19 -24.86
N ALA A 53 11.55 7.12 -25.76
CA ALA A 53 11.89 8.52 -25.53
C ALA A 53 11.46 8.98 -24.14
N PRO A 54 10.20 8.72 -23.74
CA PRO A 54 9.75 9.14 -22.41
C PRO A 54 10.53 8.47 -21.28
N GLY A 55 11.04 7.27 -21.58
CA GLY A 55 11.82 6.52 -20.61
C GLY A 55 13.16 7.20 -20.46
N LEU A 56 13.72 7.64 -21.57
CA LEU A 56 15.00 8.33 -21.55
C LEU A 56 14.83 9.68 -20.89
N ASP A 57 13.72 10.33 -21.20
CA ASP A 57 13.40 11.62 -20.65
C ASP A 57 13.21 11.50 -19.14
N PHE A 58 12.67 10.36 -18.71
CA PHE A 58 12.47 10.08 -17.30
C PHE A 58 13.84 10.13 -16.59
N LEU A 59 14.87 9.65 -17.26
CA LEU A 59 16.22 9.64 -16.70
C LEU A 59 16.80 11.05 -16.55
N LYS A 60 16.56 11.91 -17.55
CA LYS A 60 17.02 13.30 -17.54
C LYS A 60 16.35 14.03 -16.38
N CYS A 61 15.05 13.82 -16.29
CA CYS A 61 14.21 14.42 -15.25
C CYS A 61 14.69 14.05 -13.86
N ALA A 62 14.90 12.77 -13.61
CA ALA A 62 15.33 12.27 -12.32
C ALA A 62 16.70 12.71 -11.81
N PHE A 63 17.71 12.62 -12.68
CA PHE A 63 19.08 12.96 -12.30
C PHE A 63 19.63 14.34 -12.68
N ALA A 64 19.58 14.67 -13.96
CA ALA A 64 20.08 15.95 -14.43
C ALA A 64 18.94 16.88 -14.76
N SER A 65 18.25 17.36 -13.74
CA SER A 65 17.10 18.24 -13.91
C SER A 65 17.37 19.59 -14.59
N PRO A 66 18.42 20.33 -14.17
CA PRO A 66 18.75 21.63 -14.75
C PRO A 66 19.66 21.71 -15.99
N ASP A 67 20.02 20.56 -16.57
CA ASP A 67 20.91 20.53 -17.73
C ASP A 67 20.28 20.82 -19.09
N PHE A 68 18.96 20.89 -19.13
CA PHE A 68 18.26 21.10 -20.39
C PHE A 68 17.40 22.35 -20.43
N SER A 69 16.95 22.71 -21.63
CA SER A 69 16.10 23.87 -21.88
C SER A 69 14.85 23.86 -21.01
N THR A 70 14.23 22.69 -20.92
CA THR A 70 13.03 22.48 -20.11
C THR A 70 13.10 21.03 -19.67
N ASP A 71 12.60 20.75 -18.46
CA ASP A 71 12.62 19.39 -17.94
C ASP A 71 11.81 18.45 -18.84
N PRO A 72 12.48 17.44 -19.43
CA PRO A 72 11.80 16.48 -20.30
C PRO A 72 10.97 15.47 -19.48
N GLY A 73 10.32 15.95 -18.43
CA GLY A 73 9.56 15.07 -17.58
C GLY A 73 8.27 14.63 -18.22
N LYS A 74 8.31 13.53 -18.95
CA LYS A 74 7.11 13.03 -19.60
C LYS A 74 6.40 12.00 -18.71
N GLY A 75 6.69 12.05 -17.41
CA GLY A 75 6.09 11.10 -16.49
C GLY A 75 7.03 9.96 -16.14
N ILE A 76 6.48 8.84 -15.68
CA ILE A 76 7.24 7.65 -15.27
C ILE A 76 6.89 6.45 -16.15
N PRO A 77 7.89 5.84 -16.81
CA PRO A 77 7.73 4.68 -17.70
C PRO A 77 7.42 3.47 -16.84
N ASP A 78 6.34 3.60 -16.09
CA ASP A 78 5.91 2.61 -15.16
C ASP A 78 4.70 1.97 -15.80
N LYS A 79 4.45 0.71 -15.43
CA LYS A 79 3.32 -0.07 -15.97
C LYS A 79 1.91 0.43 -15.64
N PHE A 80 1.77 1.72 -15.38
CA PHE A 80 0.47 2.31 -15.09
C PHE A 80 0.35 3.30 -16.23
N GLN A 81 -0.71 3.17 -17.01
CA GLN A 81 -0.90 4.07 -18.15
C GLN A 81 -2.19 4.89 -18.03
N GLY A 82 -2.56 5.17 -16.78
CA GLY A 82 -3.76 5.95 -16.52
C GLY A 82 -3.53 7.43 -16.73
N LEU A 83 -4.61 8.20 -16.68
CA LEU A 83 -4.55 9.64 -16.87
C LEU A 83 -3.98 10.33 -15.64
N VAL A 84 -2.90 11.06 -15.88
CA VAL A 84 -2.15 11.75 -14.85
C VAL A 84 -1.91 13.20 -15.24
N LEU A 85 -1.59 14.03 -14.26
CA LEU A 85 -1.31 15.45 -14.47
C LEU A 85 0.05 15.69 -13.77
N PRO A 86 1.15 15.75 -14.55
CA PRO A 86 2.51 15.98 -14.01
C PRO A 86 2.90 17.43 -13.83
N LYS A 87 3.20 17.79 -12.59
CA LYS A 87 3.62 19.15 -12.28
C LYS A 87 5.09 19.13 -11.99
N LYS A 88 5.84 19.97 -12.68
CA LYS A 88 7.27 20.06 -12.48
C LYS A 88 7.53 21.25 -11.56
N HIS A 89 7.47 20.99 -10.25
CA HIS A 89 7.68 22.03 -9.24
C HIS A 89 9.12 22.48 -9.21
N CYS A 90 9.32 23.76 -8.92
CA CYS A 90 10.64 24.36 -8.79
C CYS A 90 10.57 25.63 -8.00
N LEU A 91 11.35 25.70 -6.93
CA LEU A 91 11.42 26.88 -6.08
C LEU A 91 12.79 27.49 -6.26
N THR A 92 12.81 28.76 -6.62
CA THR A 92 14.06 29.49 -6.79
C THR A 92 13.92 30.59 -5.75
N GLN A 93 14.80 30.56 -4.74
CA GLN A 93 14.71 31.52 -3.66
C GLN A 93 16.10 31.91 -3.16
N SER A 94 16.26 33.18 -2.83
CA SER A 94 17.54 33.66 -2.32
C SER A 94 17.56 33.47 -0.81
N ILE A 95 18.49 32.68 -0.31
CA ILE A 95 18.60 32.45 1.13
C ILE A 95 19.89 33.04 1.64
N THR A 96 19.83 33.58 2.84
CA THR A 96 21.00 34.15 3.51
C THR A 96 21.07 33.44 4.88
N PHE A 97 22.09 32.61 5.03
CA PHE A 97 22.29 31.80 6.24
C PHE A 97 22.78 32.59 7.46
N THR A 98 22.02 32.46 8.53
CA THR A 98 22.29 33.13 9.81
C THR A 98 23.60 32.72 10.45
N PRO A 99 24.54 33.67 10.61
CA PRO A 99 25.84 33.41 11.20
C PRO A 99 25.78 32.90 12.64
N GLY A 100 26.62 31.91 12.92
CA GLY A 100 26.68 31.32 14.23
C GLY A 100 25.73 30.17 14.43
N LYS A 101 25.11 29.71 13.35
CA LYS A 101 24.17 28.61 13.44
C LYS A 101 24.18 27.65 12.27
N GLN A 102 23.76 26.42 12.55
CA GLN A 102 23.63 25.39 11.54
C GLN A 102 22.19 25.55 11.10
N THR A 103 21.95 25.54 9.80
CA THR A 103 20.58 25.64 9.33
C THR A 103 20.29 24.36 8.54
N MET A 104 19.24 23.67 8.95
CA MET A 104 18.84 22.43 8.32
C MET A 104 17.80 22.70 7.24
N LEU A 105 18.11 22.31 6.02
CA LEU A 105 17.18 22.45 4.93
C LEU A 105 16.84 21.00 4.60
N LEU A 106 15.75 20.51 5.16
CA LEU A 106 15.33 19.14 4.92
C LEU A 106 14.41 19.09 3.72
N VAL A 107 14.92 18.58 2.60
CA VAL A 107 14.14 18.45 1.38
C VAL A 107 13.43 17.10 1.42
N ALA A 108 12.18 17.11 1.88
CA ALA A 108 11.38 15.89 1.98
C ALA A 108 10.33 15.88 0.90
N PRO A 109 9.90 14.68 0.46
CA PRO A 109 8.88 14.51 -0.59
C PRO A 109 7.42 14.76 -0.18
N ILE A 110 7.12 15.99 0.24
CA ILE A 110 5.77 16.37 0.64
C ILE A 110 5.21 17.28 -0.47
N PRO A 111 4.17 16.81 -1.19
CA PRO A 111 3.51 17.48 -2.31
C PRO A 111 3.68 18.98 -2.58
N GLY A 112 3.06 19.84 -1.80
CA GLY A 112 3.19 21.26 -2.08
C GLY A 112 4.38 21.98 -1.50
N ILE A 113 5.05 21.35 -0.53
CA ILE A 113 6.20 21.93 0.17
C ILE A 113 7.56 21.61 -0.45
N ALA A 114 8.39 22.64 -0.60
CA ALA A 114 9.73 22.49 -1.17
C ALA A 114 10.66 21.81 -0.17
N CYS A 115 10.75 22.38 1.03
CA CYS A 115 11.59 21.83 2.09
C CYS A 115 11.14 22.32 3.47
N LEU A 116 11.81 21.84 4.51
CA LEU A 116 11.50 22.23 5.88
C LEU A 116 12.80 22.85 6.38
N LYS A 117 12.73 24.07 6.89
CA LYS A 117 13.92 24.75 7.40
C LYS A 117 13.91 24.89 8.93
N ALA A 118 15.07 24.72 9.54
CA ALA A 118 15.22 24.84 10.99
C ALA A 118 16.64 25.27 11.27
N GLU A 119 16.86 26.00 12.37
CA GLU A 119 18.19 26.46 12.76
C GLU A 119 18.51 26.00 14.17
N ALA A 120 19.79 25.86 14.47
CA ALA A 120 20.24 25.46 15.80
C ALA A 120 21.68 25.94 15.89
N ASN A 121 22.13 26.22 17.10
CA ASN A 121 23.51 26.69 17.27
C ASN A 121 24.43 25.64 16.73
N VAL A 122 25.62 26.05 16.32
CA VAL A 122 26.60 25.14 15.79
C VAL A 122 26.87 24.09 16.87
N GLY A 123 26.65 22.81 16.54
CA GLY A 123 26.88 21.75 17.50
C GLY A 123 25.67 21.35 18.33
N ALA A 124 24.63 22.19 18.33
CA ALA A 124 23.42 21.92 19.08
C ALA A 124 22.54 20.87 18.38
N SER A 125 21.60 20.31 19.14
CA SER A 125 20.70 19.30 18.60
C SER A 125 19.37 19.88 18.15
N PHE A 126 18.89 19.41 16.99
CA PHE A 126 17.61 19.83 16.44
C PHE A 126 16.55 18.98 17.12
N SER A 127 16.48 18.98 18.44
CA SER A 127 15.50 18.15 19.10
C SER A 127 14.15 18.84 19.15
N GLY A 128 13.92 19.66 20.18
CA GLY A 128 12.62 20.34 20.26
C GLY A 128 12.33 21.17 19.03
N VAL A 129 13.40 21.58 18.36
CA VAL A 129 13.34 22.42 17.16
C VAL A 129 12.42 21.91 16.05
N PRO A 130 11.36 22.67 15.77
CA PRO A 130 10.41 22.31 14.72
C PRO A 130 10.92 22.74 13.36
N LEU A 131 10.57 21.97 12.35
CA LEU A 131 10.98 22.27 10.99
C LEU A 131 9.81 22.98 10.31
N ALA A 132 10.04 24.20 9.85
CA ALA A 132 9.00 24.99 9.18
C ALA A 132 9.02 24.83 7.66
N SER A 133 7.83 24.75 7.07
CA SER A 133 7.69 24.57 5.64
C SER A 133 8.06 25.77 4.78
N VAL A 134 8.76 25.49 3.68
CA VAL A 134 9.14 26.50 2.70
C VAL A 134 8.41 25.96 1.49
N GLU A 135 7.26 26.53 1.18
CA GLU A 135 6.43 26.04 0.10
C GLU A 135 6.85 26.30 -1.33
N PHE A 136 6.56 25.32 -2.18
CA PHE A 136 6.81 25.42 -3.60
C PHE A 136 5.77 26.45 -4.01
N PRO A 137 6.10 27.29 -4.99
CA PRO A 137 5.13 28.30 -5.41
C PRO A 137 3.82 27.68 -5.92
N GLY A 138 2.74 28.44 -5.77
CA GLY A 138 1.43 27.99 -6.24
C GLY A 138 0.76 26.88 -5.46
N PHE A 139 0.72 27.03 -4.14
CA PHE A 139 0.09 26.03 -3.30
C PHE A 139 -1.42 26.22 -3.31
N ASP A 140 -1.86 27.42 -2.98
CA ASP A 140 -3.29 27.77 -2.94
C ASP A 140 -4.02 27.38 -4.21
N GLN A 141 -3.28 27.35 -5.31
CA GLN A 141 -3.83 27.01 -6.62
C GLN A 141 -4.13 25.53 -6.77
N LEU A 142 -3.21 24.69 -6.29
CA LEU A 142 -3.35 23.24 -6.38
C LEU A 142 -4.09 22.61 -5.20
N PHE A 143 -3.65 22.95 -3.99
CA PHE A 143 -4.25 22.37 -2.80
C PHE A 143 -5.31 23.19 -2.10
N GLY A 144 -5.30 24.49 -2.34
CA GLY A 144 -6.32 25.31 -1.74
C GLY A 144 -5.90 26.10 -0.53
N THR A 145 -6.74 27.08 -0.23
CA THR A 145 -6.57 28.00 0.87
C THR A 145 -6.56 27.27 2.23
N SER A 146 -7.69 26.63 2.54
CA SER A 146 -7.82 25.88 3.77
C SER A 146 -7.53 24.44 3.37
N ALA A 147 -6.76 23.70 4.15
CA ALA A 147 -6.51 22.33 3.78
C ALA A 147 -7.61 21.40 4.24
N THR A 148 -8.76 21.61 3.63
CA THR A 148 -9.98 20.86 3.81
C THR A 148 -10.52 20.80 2.37
N ASP A 149 -9.79 21.48 1.48
CA ASP A 149 -10.08 21.54 0.05
C ASP A 149 -8.96 20.76 -0.64
N THR A 150 -7.82 20.67 0.04
CA THR A 150 -6.62 19.99 -0.45
C THR A 150 -6.74 18.91 -1.56
N ALA A 151 -7.77 18.06 -1.47
CA ALA A 151 -7.96 17.01 -2.48
C ALA A 151 -9.00 17.35 -3.53
N ALA A 152 -9.14 18.64 -3.83
CA ALA A 152 -10.13 19.13 -4.79
C ALA A 152 -9.71 19.13 -6.25
N ASN A 153 -8.42 19.30 -6.50
CA ASN A 153 -7.91 19.31 -7.87
C ASN A 153 -7.16 18.02 -8.15
N VAL A 154 -6.53 17.50 -7.11
CA VAL A 154 -5.76 16.29 -7.21
C VAL A 154 -6.11 15.40 -6.04
N THR A 155 -6.32 14.11 -6.29
CA THR A 155 -6.68 13.17 -5.24
C THR A 155 -5.56 12.22 -4.79
N ALA A 156 -4.51 12.08 -5.60
CA ALA A 156 -3.40 11.19 -5.30
C ALA A 156 -2.13 11.65 -6.00
N PHE A 157 -0.98 11.28 -5.44
CA PHE A 157 0.29 11.68 -6.01
C PHE A 157 1.30 10.55 -5.96
N ARG A 158 2.42 10.78 -6.63
CA ARG A 158 3.52 9.82 -6.69
C ARG A 158 4.69 10.61 -7.26
N TYR A 159 5.83 10.51 -6.58
CA TYR A 159 7.03 11.24 -6.96
C TYR A 159 7.93 10.62 -8.03
N ALA A 160 8.33 11.46 -9.00
CA ALA A 160 9.22 11.06 -10.09
C ALA A 160 10.67 11.54 -9.84
N SER A 161 10.83 12.83 -9.53
CA SER A 161 12.14 13.41 -9.22
C SER A 161 12.09 14.30 -8.00
N MET A 162 13.28 14.57 -7.45
CA MET A 162 13.42 15.44 -6.29
C MET A 162 14.89 15.79 -6.27
N ALA A 163 15.20 17.08 -6.34
CA ALA A 163 16.57 17.54 -6.36
C ALA A 163 16.64 18.89 -5.69
N ALA A 164 17.83 19.24 -5.21
CA ALA A 164 18.04 20.51 -4.54
C ALA A 164 19.42 21.01 -4.90
N GLY A 165 19.59 22.33 -4.89
CA GLY A 165 20.86 22.91 -5.20
C GLY A 165 21.00 24.23 -4.47
N VAL A 166 22.19 24.48 -3.95
CA VAL A 166 22.48 25.71 -3.23
C VAL A 166 23.54 26.41 -4.06
N TYR A 167 23.20 27.55 -4.63
CA TYR A 167 24.12 28.30 -5.48
C TYR A 167 24.64 29.55 -4.77
N PRO A 168 25.73 29.41 -4.01
CA PRO A 168 26.36 30.50 -3.25
C PRO A 168 26.64 31.76 -4.04
N THR A 169 26.15 32.87 -3.51
CA THR A 169 26.31 34.17 -4.13
C THR A 169 27.16 35.09 -3.24
N SER A 170 27.88 34.50 -2.30
CA SER A 170 28.74 35.27 -1.42
C SER A 170 29.99 35.67 -2.16
N ASN A 171 30.67 36.63 -1.58
CA ASN A 171 31.93 37.18 -2.05
C ASN A 171 32.97 36.15 -1.64
N LEU A 172 34.08 36.06 -2.34
CA LEU A 172 35.11 35.07 -1.99
C LEU A 172 35.87 35.36 -0.71
N MET A 173 35.75 36.60 -0.25
CA MET A 173 36.42 37.05 0.96
C MET A 173 35.38 37.40 2.02
N GLN A 174 34.17 36.88 1.83
CA GLN A 174 33.04 37.17 2.70
C GLN A 174 32.54 35.97 3.50
N PHE A 175 32.51 34.81 2.85
CA PHE A 175 32.01 33.56 3.41
C PHE A 175 32.94 32.84 4.38
N ALA A 176 32.45 31.68 4.82
CA ALA A 176 33.13 30.77 5.74
C ALA A 176 32.07 29.74 6.08
N GLY A 177 32.43 28.47 6.14
CA GLY A 177 31.45 27.46 6.47
C GLY A 177 31.45 26.24 5.58
N SER A 178 30.52 25.32 5.84
CA SER A 178 30.44 24.10 5.08
C SER A 178 29.02 23.66 4.77
N ILE A 179 28.89 22.97 3.64
CA ILE A 179 27.61 22.42 3.22
C ILE A 179 27.81 20.92 3.31
N GLN A 180 26.87 20.23 3.94
CA GLN A 180 26.95 18.78 4.07
C GLN A 180 25.62 18.18 3.71
N VAL A 181 25.66 17.16 2.86
CA VAL A 181 24.45 16.52 2.40
C VAL A 181 24.49 15.02 2.63
N TYR A 182 23.42 14.51 3.22
CA TYR A 182 23.26 13.09 3.46
C TYR A 182 21.78 12.88 3.25
N LYS A 183 21.32 11.63 3.23
CA LYS A 183 19.91 11.39 3.00
C LYS A 183 19.23 10.58 4.10
N ILE A 184 18.07 11.07 4.54
CA ILE A 184 17.29 10.44 5.61
C ILE A 184 16.08 9.68 5.05
N PRO A 185 15.85 8.43 5.51
CA PRO A 185 14.74 7.62 5.06
C PRO A 185 13.49 7.75 5.93
N LEU A 186 12.83 8.92 5.88
CA LEU A 186 11.62 9.11 6.69
C LEU A 186 10.46 8.32 6.11
N LYS A 187 9.63 7.75 6.99
CA LYS A 187 8.45 6.98 6.61
C LYS A 187 7.28 7.43 7.48
N GLN A 188 6.07 7.45 6.94
CA GLN A 188 4.88 7.85 7.68
C GLN A 188 4.32 6.63 8.44
N VAL A 189 3.85 6.83 9.68
CA VAL A 189 3.34 5.76 10.54
C VAL A 189 2.12 6.21 11.33
N LEU A 190 1.36 5.25 11.87
CA LEU A 190 0.19 5.55 12.70
C LEU A 190 0.60 5.11 14.11
N ASN A 191 1.11 6.03 14.89
CA ASN A 191 1.55 5.73 16.24
C ASN A 191 0.44 5.84 17.29
N SER A 192 0.55 5.03 18.34
CA SER A 192 -0.43 5.00 19.41
C SER A 192 0.02 5.77 20.65
N TYR A 193 -0.97 6.24 21.41
CA TYR A 193 -0.77 6.97 22.66
C TYR A 193 -2.10 6.99 23.40
N SER A 194 -2.07 7.10 24.72
CA SER A 194 -3.28 7.11 25.52
C SER A 194 -3.50 8.48 26.15
N GLN A 195 -4.72 8.98 26.06
CA GLN A 195 -5.08 10.29 26.62
C GLN A 195 -6.12 10.12 27.70
N THR A 196 -5.82 10.57 28.91
CA THR A 196 -6.79 10.50 29.97
C THR A 196 -7.62 11.78 29.96
N VAL A 197 -8.93 11.62 29.75
CA VAL A 197 -9.85 12.74 29.68
C VAL A 197 -10.42 13.02 31.06
N ALA A 198 -10.52 14.29 31.42
CA ALA A 198 -11.01 14.74 32.71
C ALA A 198 -12.51 14.56 32.98
N THR A 199 -13.02 13.34 32.79
CA THR A 199 -14.41 13.07 33.07
C THR A 199 -14.46 12.78 34.58
N VAL A 200 -15.64 12.66 35.16
CA VAL A 200 -15.77 12.39 36.60
C VAL A 200 -14.81 11.21 36.87
N PRO A 201 -15.12 10.01 36.36
CA PRO A 201 -14.12 8.96 36.62
C PRO A 201 -13.30 9.12 35.33
N PRO A 202 -12.16 9.84 35.40
CA PRO A 202 -11.32 10.07 34.23
C PRO A 202 -11.17 8.88 33.28
N THR A 203 -11.76 9.02 32.10
CA THR A 203 -11.71 7.98 31.07
C THR A 203 -10.43 8.11 30.25
N ASN A 204 -9.69 7.01 30.11
CA ASN A 204 -8.48 7.02 29.29
C ASN A 204 -8.91 6.59 27.90
N LEU A 205 -8.38 7.28 26.89
CA LEU A 205 -8.72 6.98 25.52
C LEU A 205 -7.50 6.42 24.85
N ALA A 206 -7.69 5.41 24.01
CA ALA A 206 -6.58 4.82 23.29
C ALA A 206 -6.66 5.50 21.93
N GLN A 207 -5.79 6.49 21.74
CA GLN A 207 -5.77 7.26 20.51
C GLN A 207 -4.54 7.04 19.67
N ASN A 208 -4.59 7.52 18.42
CA ASN A 208 -3.48 7.42 17.50
C ASN A 208 -3.31 8.74 16.75
N THR A 209 -2.17 8.84 16.08
CA THR A 209 -1.81 10.04 15.34
C THR A 209 -0.89 9.61 14.22
N ILE A 210 -0.88 10.39 13.14
CA ILE A 210 0.01 10.10 12.04
C ILE A 210 1.34 10.75 12.40
N ALA A 211 2.44 10.06 12.12
CA ALA A 211 3.76 10.58 12.44
C ALA A 211 4.79 10.06 11.47
N ILE A 212 5.91 10.77 11.37
CA ILE A 212 7.02 10.42 10.51
C ILE A 212 8.21 9.84 11.30
N ASP A 213 8.73 8.71 10.84
CA ASP A 213 9.86 8.02 11.47
C ASP A 213 11.23 8.51 11.01
N GLY A 214 12.25 8.17 11.80
CA GLY A 214 13.62 8.54 11.45
C GLY A 214 14.03 9.99 11.45
N LEU A 215 13.36 10.83 12.25
CA LEU A 215 13.73 12.23 12.31
C LEU A 215 14.99 12.46 13.13
N GLU A 216 15.36 11.49 13.96
CA GLU A 216 16.53 11.59 14.81
C GLU A 216 17.77 11.81 13.95
N ALA A 217 17.68 11.43 12.68
CA ALA A 217 18.78 11.58 11.74
C ALA A 217 19.18 13.02 11.48
N LEU A 218 18.38 13.98 11.95
CA LEU A 218 18.68 15.40 11.76
C LEU A 218 19.99 15.75 12.44
N ASP A 219 20.31 15.00 13.50
CA ASP A 219 21.54 15.20 14.26
C ASP A 219 22.68 14.29 13.83
N ALA A 220 22.56 13.63 12.67
CA ALA A 220 23.60 12.71 12.29
C ALA A 220 24.32 12.98 10.98
N LEU A 221 25.59 12.59 10.94
CA LEU A 221 26.40 12.71 9.75
C LEU A 221 26.85 11.28 9.46
N PRO A 222 26.04 10.54 8.69
CA PRO A 222 26.30 9.16 8.30
C PRO A 222 27.57 9.01 7.48
N ASN A 223 27.95 7.77 7.18
CA ASN A 223 29.14 7.55 6.35
C ASN A 223 28.86 7.93 4.89
N ASN A 224 27.58 8.05 4.55
CA ASN A 224 27.15 8.43 3.21
C ASN A 224 26.87 9.93 3.18
N ASN A 225 27.88 10.75 3.41
CA ASN A 225 27.64 12.19 3.38
C ASN A 225 28.54 12.90 2.41
N TYR A 226 28.22 14.15 2.15
CA TYR A 226 29.00 15.00 1.29
C TYR A 226 29.36 16.18 2.15
N SER A 227 30.64 16.40 2.38
CA SER A 227 31.09 17.53 3.16
C SER A 227 31.95 18.38 2.25
N GLY A 228 31.73 19.68 2.27
CA GLY A 228 32.51 20.57 1.45
C GLY A 228 32.41 22.03 1.86
N SER A 229 33.27 22.86 1.26
CA SER A 229 33.28 24.29 1.53
C SER A 229 31.95 24.87 1.10
N PHE A 230 31.57 25.98 1.70
CA PHE A 230 30.29 26.62 1.37
C PHE A 230 30.30 27.21 -0.02
N ILE A 231 31.44 27.81 -0.39
CA ILE A 231 31.55 28.48 -1.68
C ILE A 231 31.21 27.65 -2.91
N GLU A 232 31.21 26.33 -2.78
CA GLU A 232 30.83 25.44 -3.88
C GLU A 232 29.61 24.77 -3.29
N GLY A 233 28.45 25.36 -3.56
CA GLY A 233 27.22 24.81 -3.04
C GLY A 233 27.08 23.36 -3.42
N CYS A 234 25.88 22.83 -3.29
CA CYS A 234 25.69 21.44 -3.63
C CYS A 234 24.62 21.25 -4.69
N TYR A 235 24.49 20.00 -5.10
CA TYR A 235 23.50 19.56 -6.06
C TYR A 235 23.26 18.11 -5.66
N SER A 236 22.02 17.76 -5.38
CA SER A 236 21.71 16.40 -4.99
C SER A 236 20.31 16.04 -5.42
N GLN A 237 20.08 14.76 -5.72
CA GLN A 237 18.77 14.27 -6.15
C GLN A 237 18.45 13.04 -5.33
N SER A 238 17.18 12.67 -5.29
CA SER A 238 16.76 11.50 -4.57
C SER A 238 16.17 10.51 -5.57
N VAL A 239 16.10 9.25 -5.16
CA VAL A 239 15.59 8.17 -5.99
C VAL A 239 14.54 7.39 -5.19
N CYS A 240 13.56 6.84 -5.90
CA CYS A 240 12.49 6.07 -5.28
C CYS A 240 13.00 4.95 -4.36
N ASN A 241 12.57 4.96 -3.10
CA ASN A 241 12.98 3.96 -2.11
C ASN A 241 12.07 2.74 -1.96
N GLU A 242 11.35 2.40 -3.01
CA GLU A 242 10.46 1.24 -2.99
C GLU A 242 10.61 0.53 -4.31
N PRO A 243 10.18 -0.74 -4.38
CA PRO A 243 10.28 -1.49 -5.63
C PRO A 243 9.41 -0.83 -6.72
N GLU A 244 8.20 -0.46 -6.34
CA GLU A 244 7.25 0.17 -7.27
C GLU A 244 6.86 1.60 -6.90
N PHE A 245 6.44 2.36 -7.90
CA PHE A 245 6.00 3.74 -7.72
C PHE A 245 4.47 3.74 -7.49
N GLU A 246 4.04 3.45 -6.27
CA GLU A 246 2.62 3.42 -5.95
C GLU A 246 2.10 4.83 -5.71
N PHE A 247 0.79 5.02 -5.87
CA PHE A 247 0.14 6.30 -5.66
C PHE A 247 -0.25 6.46 -4.21
N HIS A 248 -0.37 7.71 -3.76
CA HIS A 248 -0.74 8.00 -2.37
C HIS A 248 -1.85 9.00 -2.33
N PRO A 249 -2.81 8.80 -1.41
CA PRO A 249 -3.93 9.72 -1.29
C PRO A 249 -3.44 11.04 -0.75
N ILE A 250 -4.19 12.10 -1.05
CA ILE A 250 -3.84 13.41 -0.57
C ILE A 250 -4.58 13.70 0.73
N MET A 251 -3.81 13.75 1.80
CA MET A 251 -4.31 13.99 3.15
C MET A 251 -4.81 15.39 3.43
N GLU A 252 -5.96 15.46 4.10
CA GLU A 252 -6.59 16.72 4.41
C GLU A 252 -6.71 16.92 5.93
N GLY A 253 -6.57 18.15 6.38
CA GLY A 253 -6.69 18.48 7.79
C GLY A 253 -5.43 18.48 8.62
N TYR A 254 -4.29 18.28 7.97
CA TYR A 254 -3.02 18.25 8.68
C TYR A 254 -2.23 19.54 8.50
N ALA A 255 -2.21 20.38 9.53
CA ALA A 255 -1.47 21.63 9.46
C ALA A 255 -0.08 21.51 10.11
N SER A 256 0.26 20.30 10.53
CA SER A 256 1.55 20.00 11.15
C SER A 256 1.61 18.48 11.18
N VAL A 257 2.81 17.90 11.16
CA VAL A 257 2.89 16.45 11.18
C VAL A 257 2.24 15.93 12.44
N PRO A 258 2.75 16.28 13.64
CA PRO A 258 1.97 15.72 14.76
C PRO A 258 0.77 16.68 14.68
N PRO A 259 -0.42 16.18 14.26
CA PRO A 259 -1.62 17.00 14.13
C PRO A 259 -1.86 17.95 15.28
N ALA A 260 -2.65 18.99 15.02
CA ALA A 260 -2.95 19.98 16.04
C ALA A 260 -3.58 19.30 17.25
N ASN A 261 -3.00 19.59 18.42
CA ASN A 261 -3.44 19.07 19.72
C ASN A 261 -2.78 17.76 20.17
N VAL A 262 -1.81 17.29 19.38
CA VAL A 262 -1.08 16.07 19.73
C VAL A 262 0.32 16.49 20.15
N THR A 263 0.74 16.00 21.31
CA THR A 263 2.05 16.30 21.83
C THR A 263 3.10 15.59 21.00
N ASN A 264 4.22 16.27 20.81
CA ASN A 264 5.35 15.73 20.05
C ASN A 264 5.67 14.33 20.58
N ALA A 265 5.72 14.20 21.90
CA ALA A 265 6.01 12.93 22.56
C ALA A 265 4.90 11.87 22.41
N GLN A 266 3.66 12.31 22.25
CA GLN A 266 2.55 11.39 22.09
C GLN A 266 2.69 10.74 20.71
N ALA A 267 3.14 11.55 19.76
CA ALA A 267 3.34 11.09 18.39
C ALA A 267 4.60 10.24 18.28
N SER A 268 5.38 10.21 19.34
CA SER A 268 6.62 9.44 19.41
C SER A 268 7.72 9.89 18.45
N MET A 269 7.64 11.13 17.99
CA MET A 269 8.67 11.67 17.09
C MET A 269 9.57 12.64 17.83
N PHE A 270 10.70 13.01 17.23
CA PHE A 270 11.64 13.88 17.92
C PHE A 270 11.56 15.40 17.73
N THR A 271 11.03 15.85 16.60
CA THR A 271 10.77 17.27 16.36
C THR A 271 9.47 17.21 15.57
N ASN A 272 8.89 18.36 15.28
CA ASN A 272 7.63 18.37 14.53
C ASN A 272 7.76 19.17 13.25
N LEU A 273 6.91 18.89 12.27
CA LEU A 273 6.93 19.63 11.01
C LEU A 273 5.73 20.54 11.03
N THR A 274 5.93 21.83 10.83
CA THR A 274 4.84 22.79 10.82
C THR A 274 4.63 23.45 9.47
N PHE A 275 3.44 23.25 8.91
CA PHE A 275 3.10 23.82 7.64
C PHE A 275 2.11 24.96 7.88
N SER A 276 2.58 26.19 7.74
CA SER A 276 1.72 27.35 7.96
C SER A 276 1.18 27.84 6.64
N GLY A 277 -0.14 27.89 6.52
CA GLY A 277 -0.78 28.32 5.28
C GLY A 277 -0.99 27.01 4.54
N ALA A 278 0.09 26.51 3.95
CA ALA A 278 0.06 25.24 3.26
C ALA A 278 -0.16 24.19 4.35
N ARG A 279 -0.45 22.96 3.96
CA ARG A 279 -0.64 21.92 4.95
C ARG A 279 0.00 20.61 4.52
N TYR A 280 0.22 19.72 5.48
CA TYR A 280 0.82 18.41 5.21
C TYR A 280 -0.15 17.61 4.36
N THR A 281 0.29 17.33 3.14
CA THR A 281 -0.48 16.58 2.14
C THR A 281 -0.14 15.09 2.06
N GLY A 282 1.05 14.71 2.53
CA GLY A 282 1.47 13.33 2.50
C GLY A 282 2.97 13.23 2.35
N LEU A 283 3.50 12.01 2.32
CA LEU A 283 4.93 11.77 2.16
C LEU A 283 5.11 10.83 0.96
N GLY A 284 5.96 11.22 0.03
CA GLY A 284 6.22 10.40 -1.14
C GLY A 284 7.21 9.29 -0.83
N ASP A 285 7.49 8.45 -1.82
CA ASP A 285 8.40 7.31 -1.63
C ASP A 285 9.86 7.61 -1.93
N MET A 286 10.36 8.74 -1.45
CA MET A 286 11.77 9.09 -1.67
C MET A 286 12.43 9.51 -0.38
N ASP A 287 13.75 9.36 -0.34
CA ASP A 287 14.48 9.73 0.86
C ASP A 287 14.66 11.23 0.90
N ALA A 288 14.46 11.79 2.08
CA ALA A 288 14.61 13.22 2.25
C ALA A 288 16.09 13.56 2.06
N ILE A 289 16.37 14.61 1.30
CA ILE A 289 17.74 15.06 1.09
C ILE A 289 17.99 16.03 2.23
N ALA A 290 18.96 15.73 3.08
CA ALA A 290 19.28 16.60 4.20
C ALA A 290 20.48 17.47 3.92
N ILE A 291 20.24 18.78 3.78
CA ILE A 291 21.31 19.76 3.53
C ILE A 291 21.57 20.56 4.80
N LEU A 292 22.79 20.46 5.32
CA LEU A 292 23.16 21.15 6.55
C LEU A 292 24.22 22.21 6.26
N VAL A 293 23.81 23.45 6.28
CA VAL A 293 24.72 24.57 6.07
C VAL A 293 25.08 25.14 7.43
N THR A 294 26.33 24.97 7.82
CA THR A 294 26.81 25.48 9.10
C THR A 294 27.63 26.75 8.81
N THR A 295 27.09 27.88 9.28
CA THR A 295 27.71 29.17 9.07
C THR A 295 28.21 29.78 10.38
N PRO A 296 29.51 30.12 10.44
CA PRO A 296 30.21 30.71 11.59
C PRO A 296 29.73 32.12 11.87
N THR A 297 30.21 32.70 12.97
CA THR A 297 29.84 34.05 13.32
C THR A 297 30.67 35.00 12.46
N GLY A 298 30.01 36.02 11.91
CA GLY A 298 30.71 36.99 11.07
C GLY A 298 30.77 36.57 9.61
N ALA A 299 30.51 35.30 9.34
CA ALA A 299 30.54 34.81 7.97
C ALA A 299 29.25 35.19 7.28
N VAL A 300 29.38 35.71 6.06
CA VAL A 300 28.23 36.10 5.27
C VAL A 300 28.03 35.02 4.22
N ASN A 301 27.14 34.09 4.51
CA ASN A 301 26.86 33.01 3.59
C ASN A 301 25.50 33.21 2.96
N THR A 302 25.49 33.70 1.72
CA THR A 302 24.25 33.94 1.00
C THR A 302 24.27 33.03 -0.23
N ALA A 303 23.10 32.63 -0.70
CA ALA A 303 23.02 31.77 -1.86
C ALA A 303 21.64 31.81 -2.47
N VAL A 304 21.43 30.99 -3.50
CA VAL A 304 20.15 30.89 -4.18
C VAL A 304 19.78 29.43 -4.04
N LEU A 305 18.74 29.16 -3.26
CA LEU A 305 18.25 27.82 -3.04
C LEU A 305 17.29 27.45 -4.16
N LYS A 306 17.52 26.30 -4.79
CA LYS A 306 16.64 25.82 -5.85
C LYS A 306 16.23 24.40 -5.51
N VAL A 307 14.94 24.11 -5.62
CA VAL A 307 14.44 22.78 -5.33
C VAL A 307 13.52 22.37 -6.47
N TRP A 308 13.75 21.18 -7.02
CA TRP A 308 12.96 20.64 -8.12
C TRP A 308 12.22 19.39 -7.70
N ALA A 309 11.07 19.15 -8.31
CA ALA A 309 10.27 17.97 -8.00
C ALA A 309 9.15 17.74 -9.01
N CYS A 310 9.29 16.75 -9.88
CA CYS A 310 8.25 16.43 -10.84
C CYS A 310 7.37 15.37 -10.20
N VAL A 311 6.12 15.75 -9.90
CA VAL A 311 5.18 14.85 -9.27
C VAL A 311 4.06 14.52 -10.23
N GLU A 312 3.66 13.24 -10.26
CA GLU A 312 2.55 12.82 -11.09
C GLU A 312 1.34 12.81 -10.18
N TYR A 313 0.35 13.61 -10.52
CA TYR A 313 -0.86 13.73 -9.73
C TYR A 313 -2.04 13.15 -10.50
N ARG A 314 -3.04 12.66 -9.77
CA ARG A 314 -4.23 12.12 -10.41
C ARG A 314 -5.28 13.21 -10.30
N PRO A 315 -5.62 13.84 -11.43
CA PRO A 315 -6.61 14.91 -11.53
C PRO A 315 -8.02 14.54 -11.12
N ASN A 316 -8.65 15.44 -10.38
CA ASN A 316 -10.01 15.27 -9.93
C ASN A 316 -10.82 15.76 -11.13
N PRO A 317 -11.76 14.94 -11.63
CA PRO A 317 -12.59 15.30 -12.77
C PRO A 317 -13.36 16.61 -12.62
N ASN A 318 -13.44 17.10 -11.39
CA ASN A 318 -14.16 18.34 -11.11
C ASN A 318 -13.26 19.57 -11.23
N SER A 319 -11.98 19.34 -11.48
CA SER A 319 -11.02 20.43 -11.60
C SER A 319 -10.87 20.89 -13.04
N THR A 320 -10.49 22.15 -13.19
CA THR A 320 -10.27 22.73 -14.51
C THR A 320 -8.92 22.26 -15.03
N LEU A 321 -8.08 21.81 -14.10
CA LEU A 321 -6.75 21.32 -14.43
C LEU A 321 -6.84 19.98 -15.14
N TYR A 322 -7.89 19.22 -14.85
CA TYR A 322 -8.11 17.93 -15.50
C TYR A 322 -8.51 18.39 -16.89
N GLU A 323 -7.53 18.73 -17.71
CA GLU A 323 -7.73 19.22 -19.06
C GLU A 323 -6.33 19.43 -19.61
N PHE A 324 -5.37 19.38 -18.70
CA PHE A 324 -3.94 19.50 -19.01
C PHE A 324 -3.38 18.09 -18.83
N ALA A 325 -4.16 17.23 -18.18
CA ALA A 325 -3.81 15.86 -17.89
C ALA A 325 -3.51 15.01 -19.13
N ARG A 326 -2.50 14.15 -19.02
CA ARG A 326 -2.08 13.27 -20.11
C ARG A 326 -1.88 11.87 -19.52
N GLU A 327 -1.71 10.89 -20.39
CA GLU A 327 -1.51 9.50 -19.96
C GLU A 327 -0.06 9.30 -19.48
N SER A 328 0.12 8.51 -18.42
CA SER A 328 1.47 8.21 -17.93
C SER A 328 2.12 7.41 -19.06
N PRO A 329 3.43 7.61 -19.27
CA PRO A 329 4.09 6.86 -20.35
C PRO A 329 4.11 5.35 -20.09
N ALA A 330 4.23 4.62 -21.18
CA ALA A 330 4.26 3.17 -21.16
C ALA A 330 5.49 2.63 -20.46
N ASN A 331 5.33 1.44 -19.88
CA ASN A 331 6.39 0.75 -19.17
C ASN A 331 7.63 0.62 -20.05
N ASP A 332 8.80 0.94 -19.50
CA ASP A 332 10.05 0.84 -20.22
C ASP A 332 11.02 0.18 -19.27
N GLU A 333 11.05 -1.15 -19.28
CA GLU A 333 11.91 -1.93 -18.40
C GLU A 333 13.39 -1.54 -18.47
N TYR A 334 13.82 -1.04 -19.62
CA TYR A 334 15.20 -0.66 -19.78
C TYR A 334 15.44 0.72 -19.15
N ALA A 335 14.43 1.59 -19.24
CA ALA A 335 14.56 2.92 -18.64
C ALA A 335 14.65 2.77 -17.14
N LEU A 336 13.81 1.90 -16.61
CA LEU A 336 13.77 1.64 -15.17
C LEU A 336 15.03 0.92 -14.71
N ALA A 337 15.63 0.12 -15.58
CA ALA A 337 16.84 -0.61 -15.26
C ALA A 337 18.03 0.33 -15.11
N ALA A 338 18.12 1.30 -16.02
CA ALA A 338 19.20 2.28 -15.98
C ALA A 338 19.03 3.18 -14.77
N TYR A 339 17.78 3.53 -14.46
CA TYR A 339 17.45 4.37 -13.32
C TYR A 339 18.10 3.79 -12.08
N ARG A 340 17.78 2.54 -11.78
CA ARG A 340 18.33 1.88 -10.61
C ARG A 340 19.85 1.75 -10.62
N LYS A 341 20.45 1.62 -11.80
CA LYS A 341 21.90 1.50 -11.90
C LYS A 341 22.60 2.83 -11.70
N ILE A 342 22.24 3.82 -12.52
CA ILE A 342 22.80 5.15 -12.46
C ILE A 342 22.73 5.65 -11.03
N ALA A 343 21.57 5.44 -10.42
CA ALA A 343 21.30 5.86 -9.06
C ALA A 343 22.27 5.29 -8.05
N ARG A 344 22.78 4.10 -8.35
CA ARG A 344 23.72 3.39 -7.47
C ARG A 344 25.16 3.88 -7.65
N ASP A 345 25.48 4.38 -8.84
CA ASP A 345 26.84 4.85 -9.12
C ASP A 345 27.13 6.34 -9.01
N ILE A 346 26.12 7.16 -8.75
CA ILE A 346 26.36 8.58 -8.61
C ILE A 346 26.65 8.92 -7.16
N PRO A 347 27.35 10.03 -6.91
CA PRO A 347 27.68 10.43 -5.53
C PRO A 347 26.46 10.96 -4.79
N ILE A 348 26.60 11.13 -3.48
CA ILE A 348 25.51 11.62 -2.65
C ILE A 348 25.13 13.01 -3.14
N ALA A 349 26.13 13.88 -3.22
CA ALA A 349 25.91 15.24 -3.70
C ALA A 349 27.12 15.68 -4.52
N VAL A 350 26.95 16.77 -5.25
CA VAL A 350 28.01 17.32 -6.08
C VAL A 350 28.06 18.82 -5.85
N ALA A 351 29.14 19.45 -6.26
CA ALA A 351 29.27 20.90 -6.13
C ALA A 351 28.27 21.44 -7.13
N CYS A 352 27.77 22.64 -6.88
CA CYS A 352 26.77 23.25 -7.76
C CYS A 352 27.31 23.58 -9.14
N LYS A 353 28.49 23.07 -9.47
CA LYS A 353 29.11 23.32 -10.76
C LYS A 353 28.98 22.14 -11.69
N ASP A 354 28.77 20.96 -11.12
CA ASP A 354 28.62 19.75 -11.92
C ASP A 354 27.18 19.28 -11.90
N ASN A 355 26.27 20.26 -11.79
CA ASN A 355 24.85 19.97 -11.75
C ASN A 355 24.33 19.72 -13.16
N ALA B 1 31.08 20.01 -16.05
CA ALA B 1 30.78 18.58 -16.35
C ALA B 1 29.33 18.34 -15.95
N THR B 2 28.41 18.71 -16.83
CA THR B 2 26.98 18.56 -16.55
C THR B 2 26.68 17.17 -16.00
N PHE B 3 25.80 17.14 -15.00
CA PHE B 3 25.44 15.88 -14.39
C PHE B 3 24.94 14.90 -15.45
N TRP B 4 24.45 15.42 -16.58
CA TRP B 4 23.97 14.53 -17.61
C TRP B 4 25.11 13.75 -18.25
N GLU B 5 26.20 14.46 -18.56
CA GLU B 5 27.36 13.80 -19.17
C GLU B 5 27.88 12.76 -18.20
N ARG B 6 27.78 13.06 -16.91
CA ARG B 6 28.21 12.15 -15.87
C ARG B 6 27.33 10.90 -15.98
N VAL B 7 26.02 11.12 -16.00
CA VAL B 7 25.02 10.06 -16.11
C VAL B 7 25.24 9.25 -17.38
N ARG B 8 25.50 9.96 -18.47
CA ARG B 8 25.71 9.35 -19.77
C ARG B 8 26.89 8.37 -19.69
N SER B 9 28.02 8.83 -19.14
CA SER B 9 29.19 7.98 -19.01
C SER B 9 28.90 6.69 -18.25
N ILE B 10 27.92 6.73 -17.35
CA ILE B 10 27.57 5.56 -16.57
C ILE B 10 26.83 4.50 -17.37
N LEU B 11 25.74 4.86 -18.03
CA LEU B 11 25.02 3.86 -18.81
C LEU B 11 25.78 3.53 -20.11
N LYS B 12 26.64 4.46 -20.54
CA LYS B 12 27.47 4.22 -21.72
C LYS B 12 28.55 3.22 -21.35
N SER B 13 28.98 3.27 -20.09
CA SER B 13 29.99 2.35 -19.57
C SER B 13 29.51 0.91 -19.76
N GLY B 14 28.19 0.68 -19.67
CA GLY B 14 27.68 -0.65 -19.87
C GLY B 14 26.45 -1.10 -19.11
N LEU B 15 25.33 -0.39 -19.30
CA LEU B 15 24.09 -0.80 -18.62
C LEU B 15 23.48 -1.99 -19.35
N ASN B 16 24.03 -2.30 -20.53
CA ASN B 16 23.57 -3.43 -21.35
C ASN B 16 23.25 -4.65 -20.50
N PHE B 17 24.03 -4.84 -19.45
CA PHE B 17 23.90 -5.93 -18.47
C PHE B 17 22.69 -6.86 -18.61
N ALA B 18 21.50 -6.37 -18.24
CA ALA B 18 20.28 -7.17 -18.34
C ALA B 18 19.01 -6.37 -18.07
N SER B 19 17.85 -6.99 -18.38
CA SER B 19 16.53 -6.40 -18.18
C SER B 19 15.51 -7.44 -18.65
N THR B 20 14.40 -7.58 -17.91
CA THR B 20 13.36 -8.55 -18.28
C THR B 20 12.08 -8.36 -17.44
N ASN C 47 23.37 -27.65 -13.58
CA ASN C 47 23.33 -27.65 -15.08
C ASN C 47 22.93 -26.32 -15.73
N MET C 48 21.73 -25.82 -15.42
CA MET C 48 21.26 -24.56 -16.04
C MET C 48 20.74 -23.42 -15.16
N LEU C 49 21.35 -23.24 -13.98
CA LEU C 49 20.94 -22.15 -13.08
C LEU C 49 21.66 -20.84 -13.49
N LYS C 50 20.94 -19.99 -14.23
CA LYS C 50 21.49 -18.71 -14.70
C LYS C 50 21.07 -17.51 -13.83
N MET C 51 21.06 -17.72 -12.51
CA MET C 51 20.71 -16.68 -11.55
C MET C 51 21.93 -15.98 -11.03
N SER C 52 21.73 -14.75 -10.58
CA SER C 52 22.81 -13.97 -9.99
C SER C 52 23.08 -14.67 -8.66
N ALA C 53 24.33 -14.68 -8.23
CA ALA C 53 24.67 -15.34 -6.98
C ALA C 53 23.74 -14.93 -5.83
N PRO C 54 23.58 -13.62 -5.58
CA PRO C 54 22.67 -13.18 -4.50
C PRO C 54 21.23 -13.64 -4.69
N GLY C 55 20.81 -13.78 -5.95
CA GLY C 55 19.46 -14.22 -6.26
C GLY C 55 19.31 -15.66 -5.86
N LEU C 56 20.35 -16.43 -6.14
CA LEU C 56 20.37 -17.86 -5.81
C LEU C 56 20.42 -17.95 -4.28
N ASP C 57 21.29 -17.16 -3.67
CA ASP C 57 21.46 -17.13 -2.23
C ASP C 57 20.14 -16.81 -1.55
N PHE C 58 19.36 -15.95 -2.19
CA PHE C 58 18.04 -15.55 -1.70
C PHE C 58 17.13 -16.78 -1.61
N LEU C 59 17.31 -17.71 -2.55
CA LEU C 59 16.50 -18.94 -2.57
C LEU C 59 16.91 -19.88 -1.43
N LYS C 60 18.19 -19.91 -1.12
CA LYS C 60 18.70 -20.76 -0.04
C LYS C 60 18.22 -20.20 1.29
N CYS C 61 18.16 -18.87 1.34
CA CYS C 61 17.73 -18.14 2.52
C CYS C 61 16.27 -18.40 2.84
N ALA C 62 15.42 -18.28 1.82
CA ALA C 62 13.99 -18.45 1.96
C ALA C 62 13.51 -19.87 2.26
N PHE C 63 14.03 -20.84 1.49
CA PHE C 63 13.59 -22.23 1.63
C PHE C 63 14.41 -23.15 2.53
N ALA C 64 15.71 -23.24 2.29
CA ALA C 64 16.57 -24.12 3.07
C ALA C 64 17.50 -23.34 3.97
N SER C 65 16.96 -22.80 5.06
CA SER C 65 17.75 -22.01 6.01
C SER C 65 18.84 -22.78 6.78
N PRO C 66 18.49 -23.91 7.41
CA PRO C 66 19.44 -24.70 8.20
C PRO C 66 20.51 -25.58 7.52
N ASP C 67 20.42 -25.79 6.20
CA ASP C 67 21.39 -26.68 5.55
C ASP C 67 22.71 -26.14 4.98
N PHE C 68 23.13 -24.96 5.43
CA PHE C 68 24.39 -24.39 4.96
C PHE C 68 25.24 -23.99 6.15
N SER C 69 26.47 -23.55 5.89
CA SER C 69 27.39 -23.12 6.94
C SER C 69 26.88 -21.84 7.57
N THR C 70 26.34 -20.98 6.73
CA THR C 70 25.77 -19.70 7.15
C THR C 70 24.63 -19.49 6.18
N ASP C 71 23.58 -18.81 6.64
CA ASP C 71 22.48 -18.52 5.73
C ASP C 71 23.14 -17.55 4.75
N PRO C 72 23.21 -17.92 3.45
CA PRO C 72 23.82 -17.09 2.39
C PRO C 72 23.57 -15.62 2.68
N GLY C 73 22.33 -15.35 3.12
CA GLY C 73 21.91 -14.05 3.57
C GLY C 73 22.19 -12.75 2.81
N LYS C 74 21.39 -12.52 1.79
CA LYS C 74 21.47 -11.29 1.03
C LYS C 74 20.00 -11.01 0.82
N GLY C 75 19.64 -9.73 0.83
CA GLY C 75 18.25 -9.39 0.69
C GLY C 75 17.52 -9.83 -0.57
N ILE C 76 16.31 -9.29 -0.71
CA ILE C 76 15.47 -9.59 -1.84
C ILE C 76 16.14 -9.00 -3.09
N PRO C 77 16.43 -9.86 -4.09
CA PRO C 77 17.05 -9.43 -5.33
C PRO C 77 16.01 -8.77 -6.22
N ASP C 78 15.35 -7.75 -5.68
CA ASP C 78 14.34 -7.06 -6.47
C ASP C 78 14.82 -5.66 -6.76
N LYS C 79 13.99 -4.95 -7.53
CA LYS C 79 14.23 -3.60 -8.00
C LYS C 79 14.86 -2.62 -7.02
N PHE C 80 14.33 -2.54 -5.80
CA PHE C 80 14.89 -1.62 -4.80
C PHE C 80 16.35 -1.97 -4.53
N GLN C 81 17.21 -0.96 -4.68
CA GLN C 81 18.66 -1.12 -4.47
C GLN C 81 19.24 -0.14 -3.46
N GLY C 82 18.42 0.35 -2.54
CA GLY C 82 18.88 1.30 -1.54
C GLY C 82 19.66 0.66 -0.41
N LEU C 83 20.04 1.46 0.58
CA LEU C 83 20.80 0.99 1.71
C LEU C 83 19.91 0.18 2.64
N VAL C 84 20.36 -1.02 2.96
CA VAL C 84 19.62 -1.92 3.80
C VAL C 84 20.53 -2.54 4.87
N LEU C 85 19.93 -2.91 6.00
CA LEU C 85 20.64 -3.55 7.09
C LEU C 85 19.95 -4.91 7.26
N PRO C 86 20.44 -5.94 6.55
CA PRO C 86 19.83 -7.28 6.63
C PRO C 86 20.23 -8.05 7.87
N LYS C 87 19.26 -8.26 8.76
CA LYS C 87 19.51 -8.97 9.99
C LYS C 87 18.93 -10.37 9.87
N LYS C 88 19.73 -11.37 10.21
CA LYS C 88 19.31 -12.77 10.15
C LYS C 88 18.97 -13.25 11.55
N HIS C 89 17.72 -13.04 11.98
CA HIS C 89 17.26 -13.45 13.30
C HIS C 89 17.13 -14.96 13.41
N CYS C 90 17.38 -15.47 14.61
CA CYS C 90 17.22 -16.90 14.88
C CYS C 90 17.06 -17.15 16.37
N LEU C 91 15.96 -17.79 16.73
CA LEU C 91 15.66 -18.12 18.11
C LEU C 91 15.88 -19.61 18.26
N THR C 92 16.85 -19.99 19.10
CA THR C 92 17.12 -21.40 19.37
C THR C 92 16.71 -21.57 20.83
N GLN C 93 15.57 -22.20 21.07
CA GLN C 93 15.07 -22.35 22.44
C GLN C 93 14.64 -23.78 22.79
N SER C 94 14.81 -24.16 24.04
CA SER C 94 14.41 -25.46 24.52
C SER C 94 13.00 -25.35 25.10
N ILE C 95 12.03 -25.99 24.45
CA ILE C 95 10.66 -25.93 24.91
C ILE C 95 10.17 -27.25 25.50
N THR C 96 9.39 -27.15 26.57
CA THR C 96 8.79 -28.30 27.23
C THR C 96 7.29 -28.01 27.18
N PHE C 97 6.58 -28.76 26.36
CA PHE C 97 5.14 -28.57 26.20
C PHE C 97 4.35 -29.10 27.38
N THR C 98 3.50 -28.22 27.93
CA THR C 98 2.65 -28.51 29.08
C THR C 98 1.61 -29.58 28.80
N PRO C 99 1.72 -30.73 29.48
CA PRO C 99 0.80 -31.86 29.32
C PRO C 99 -0.63 -31.54 29.73
N GLY C 100 -1.56 -31.94 28.87
CA GLY C 100 -2.96 -31.71 29.13
C GLY C 100 -3.50 -30.54 28.33
N LYS C 101 -2.64 -29.91 27.53
CA LYS C 101 -3.06 -28.76 26.75
C LYS C 101 -2.47 -28.72 25.35
N GLN C 102 -3.13 -27.95 24.49
CA GLN C 102 -2.66 -27.73 23.14
C GLN C 102 -1.94 -26.41 23.27
N THR C 103 -0.78 -26.28 22.64
CA THR C 103 -0.07 -25.02 22.72
C THR C 103 0.12 -24.52 21.29
N MET C 104 -0.33 -23.29 21.05
CA MET C 104 -0.20 -22.65 19.75
C MET C 104 1.09 -21.85 19.70
N LEU C 105 1.84 -22.04 18.63
CA LEU C 105 3.07 -21.31 18.42
C LEU C 105 2.80 -20.64 17.07
N LEU C 106 2.28 -19.42 17.13
CA LEU C 106 1.96 -18.69 15.92
C LEU C 106 3.17 -17.92 15.45
N VAL C 107 3.82 -18.41 14.41
CA VAL C 107 4.99 -17.75 13.85
C VAL C 107 4.51 -16.71 12.86
N ALA C 108 4.45 -15.46 13.34
CA ALA C 108 3.99 -14.33 12.51
C ALA C 108 5.13 -13.37 12.21
N PRO C 109 5.07 -12.70 11.06
CA PRO C 109 6.08 -11.74 10.62
C PRO C 109 6.08 -10.39 11.35
N ILE C 110 6.40 -10.40 12.64
CA ILE C 110 6.46 -9.18 13.44
C ILE C 110 7.94 -9.02 13.78
N PRO C 111 8.58 -7.94 13.27
CA PRO C 111 10.00 -7.62 13.46
C PRO C 111 10.81 -8.25 14.59
N GLY C 112 10.64 -7.78 15.82
CA GLY C 112 11.45 -8.32 16.89
C GLY C 112 11.03 -9.66 17.49
N ILE C 113 9.74 -9.96 17.42
CA ILE C 113 9.18 -11.16 18.00
C ILE C 113 9.29 -12.40 17.10
N ALA C 114 9.73 -13.52 17.69
CA ALA C 114 9.88 -14.78 16.97
C ALA C 114 8.51 -15.37 16.68
N CYS C 115 7.74 -15.60 17.73
CA CYS C 115 6.40 -16.15 17.61
C CYS C 115 5.53 -15.73 18.79
N LEU C 116 4.25 -16.08 18.73
CA LEU C 116 3.31 -15.77 19.79
C LEU C 116 2.89 -17.14 20.30
N LYS C 117 2.86 -17.31 21.61
CA LYS C 117 2.51 -18.58 22.21
C LYS C 117 1.27 -18.47 23.08
N ALA C 118 0.48 -19.54 23.12
CA ALA C 118 -0.74 -19.58 23.92
C ALA C 118 -1.15 -21.03 24.14
N GLU C 119 -1.64 -21.34 25.33
CA GLU C 119 -2.08 -22.70 25.65
C GLU C 119 -3.58 -22.71 25.93
N ALA C 120 -4.21 -23.82 25.64
CA ALA C 120 -5.63 -23.99 25.87
C ALA C 120 -5.79 -25.49 26.11
N ASN C 121 -6.83 -25.86 26.86
CA ASN C 121 -7.07 -27.27 27.13
C ASN C 121 -7.26 -27.95 25.79
N VAL C 122 -6.96 -29.24 25.73
CA VAL C 122 -7.11 -29.97 24.48
C VAL C 122 -8.56 -29.81 24.00
N GLY C 123 -8.72 -29.47 22.74
CA GLY C 123 -10.04 -29.29 22.17
C GLY C 123 -10.73 -27.95 22.46
N ALA C 124 -10.15 -27.13 23.32
CA ALA C 124 -10.73 -25.82 23.65
C ALA C 124 -10.44 -24.80 22.56
N SER C 125 -11.04 -23.63 22.66
CA SER C 125 -10.83 -22.58 21.67
C SER C 125 -10.04 -21.40 22.21
N PHE C 126 -9.08 -20.93 21.42
CA PHE C 126 -8.25 -19.78 21.80
C PHE C 126 -9.05 -18.55 21.42
N SER C 127 -10.17 -18.29 22.08
CA SER C 127 -10.95 -17.11 21.74
C SER C 127 -10.51 -15.92 22.56
N GLY C 128 -10.63 -16.02 23.88
CA GLY C 128 -10.20 -14.91 24.70
C GLY C 128 -8.75 -15.10 25.11
N VAL C 129 -8.16 -16.19 24.62
CA VAL C 129 -6.80 -16.54 24.97
C VAL C 129 -5.77 -15.66 24.28
N PRO C 130 -5.09 -14.81 25.04
CA PRO C 130 -4.07 -13.91 24.52
C PRO C 130 -2.83 -14.63 24.03
N LEU C 131 -2.26 -14.12 22.95
CA LEU C 131 -1.07 -14.68 22.36
C LEU C 131 0.11 -13.85 22.83
N ALA C 132 0.95 -14.43 23.68
CA ALA C 132 2.11 -13.75 24.24
C ALA C 132 3.34 -13.81 23.34
N SER C 133 4.10 -12.72 23.31
CA SER C 133 5.27 -12.65 22.48
C SER C 133 6.47 -13.42 23.00
N VAL C 134 7.09 -14.20 22.12
CA VAL C 134 8.29 -14.96 22.43
C VAL C 134 9.28 -14.26 21.52
N GLU C 135 10.03 -13.32 22.08
CA GLU C 135 10.96 -12.52 21.30
C GLU C 135 12.19 -13.20 20.76
N PHE C 136 12.67 -12.65 19.66
CA PHE C 136 13.90 -13.10 19.04
C PHE C 136 14.92 -12.44 19.94
N PRO C 137 16.11 -13.04 20.06
CA PRO C 137 17.13 -12.44 20.93
C PRO C 137 17.57 -11.05 20.45
N GLY C 138 17.98 -10.21 21.40
CA GLY C 138 18.46 -8.88 21.09
C GLY C 138 17.45 -7.86 20.62
N PHE C 139 16.28 -7.87 21.26
CA PHE C 139 15.22 -6.93 20.90
C PHE C 139 15.58 -5.52 21.34
N ASP C 140 15.95 -5.37 22.61
CA ASP C 140 16.30 -4.07 23.18
C ASP C 140 17.42 -3.36 22.47
N GLN C 141 18.26 -4.13 21.78
CA GLN C 141 19.40 -3.56 21.08
C GLN C 141 19.08 -3.10 19.65
N LEU C 142 17.83 -3.25 19.23
CA LEU C 142 17.42 -2.83 17.89
C LEU C 142 16.23 -1.89 18.00
N PHE C 143 15.26 -2.28 18.83
CA PHE C 143 14.05 -1.50 19.01
C PHE C 143 13.97 -0.74 20.31
N GLY C 144 15.04 -0.79 21.08
CA GLY C 144 15.07 -0.08 22.35
C GLY C 144 14.20 -0.72 23.40
N THR C 145 14.24 -0.15 24.61
CA THR C 145 13.47 -0.64 25.74
C THR C 145 11.97 -0.37 25.65
N SER C 146 11.60 0.91 25.54
CA SER C 146 10.21 1.31 25.44
C SER C 146 9.75 1.31 23.98
N ALA C 147 8.45 1.44 23.76
CA ALA C 147 7.93 1.49 22.39
C ALA C 147 7.97 2.94 21.90
N THR C 148 8.65 3.80 22.64
CA THR C 148 8.72 5.21 22.27
C THR C 148 10.05 5.56 21.62
N ASP C 149 10.92 4.57 21.48
CA ASP C 149 12.22 4.76 20.85
C ASP C 149 12.49 3.55 19.94
N THR C 150 11.39 2.95 19.48
CA THR C 150 11.41 1.79 18.61
C THR C 150 12.06 2.04 17.23
N ALA C 151 11.72 3.16 16.61
CA ALA C 151 12.26 3.50 15.30
C ALA C 151 13.54 4.33 15.39
N ALA C 152 14.36 4.03 16.39
CA ALA C 152 15.60 4.74 16.62
C ALA C 152 16.73 4.26 15.71
N ASN C 153 16.85 2.95 15.54
CA ASN C 153 17.89 2.38 14.70
C ASN C 153 17.35 2.00 13.33
N VAL C 154 16.11 1.55 13.31
CA VAL C 154 15.48 1.13 12.08
C VAL C 154 14.19 1.90 11.81
N THR C 155 14.02 2.32 10.57
CA THR C 155 12.84 3.09 10.15
C THR C 155 11.74 2.28 9.46
N ALA C 156 12.13 1.32 8.62
CA ALA C 156 11.17 0.50 7.91
C ALA C 156 11.72 -0.91 7.78
N PHE C 157 10.86 -1.88 7.48
CA PHE C 157 11.28 -3.26 7.35
C PHE C 157 10.57 -3.95 6.21
N ARG C 158 11.05 -5.14 5.89
CA ARG C 158 10.48 -5.95 4.82
C ARG C 158 11.07 -7.34 4.99
N TYR C 159 10.22 -8.36 4.94
CA TYR C 159 10.66 -9.74 5.13
C TYR C 159 11.17 -10.49 3.90
N ALA C 160 12.29 -11.19 4.08
CA ALA C 160 12.91 -12.00 3.04
C ALA C 160 12.67 -13.49 3.25
N SER C 161 12.58 -13.92 4.51
CA SER C 161 12.34 -15.32 4.85
C SER C 161 11.71 -15.50 6.23
N MET C 162 11.04 -16.62 6.45
CA MET C 162 10.40 -16.96 7.72
C MET C 162 10.33 -18.47 7.77
N ALA C 163 10.84 -19.07 8.84
CA ALA C 163 10.82 -20.52 8.97
C ALA C 163 10.82 -20.91 10.44
N ALA C 164 10.40 -22.13 10.72
CA ALA C 164 10.34 -22.62 12.08
C ALA C 164 10.53 -24.14 12.08
N GLY C 165 11.07 -24.66 13.18
CA GLY C 165 11.30 -26.09 13.29
C GLY C 165 11.24 -26.54 14.73
N VAL C 166 10.63 -27.70 14.98
CA VAL C 166 10.51 -28.25 16.32
C VAL C 166 11.31 -29.53 16.33
N TYR C 167 12.40 -29.58 17.10
CA TYR C 167 13.26 -30.77 17.18
C TYR C 167 13.03 -31.51 18.49
N PRO C 168 12.23 -32.58 18.47
CA PRO C 168 11.89 -33.40 19.63
C PRO C 168 13.10 -34.01 20.32
N THR C 169 13.15 -33.87 21.65
CA THR C 169 14.23 -34.41 22.43
C THR C 169 13.76 -35.40 23.50
N SER C 170 12.59 -35.99 23.26
CA SER C 170 12.01 -36.98 24.17
C SER C 170 12.48 -38.35 23.66
N ASN C 171 12.42 -39.36 24.53
CA ASN C 171 12.81 -40.70 24.11
C ASN C 171 11.57 -41.51 23.77
N LEU C 172 11.78 -42.69 23.21
CA LEU C 172 10.70 -43.56 22.79
C LEU C 172 9.82 -44.14 23.89
N MET C 173 10.00 -43.64 25.10
CA MET C 173 9.21 -44.11 26.22
C MET C 173 8.52 -42.97 26.94
N GLN C 174 8.54 -41.78 26.35
CA GLN C 174 7.90 -40.63 27.00
C GLN C 174 7.10 -39.67 26.11
N PHE C 175 7.35 -39.70 24.80
CA PHE C 175 6.61 -38.79 23.92
C PHE C 175 5.19 -39.30 23.75
N ALA C 176 4.33 -38.44 23.21
CA ALA C 176 2.93 -38.76 22.95
C ALA C 176 2.26 -37.47 22.53
N GLY C 177 1.51 -37.50 21.45
CA GLY C 177 0.86 -36.29 21.00
C GLY C 177 1.08 -36.04 19.53
N SER C 178 0.68 -34.87 19.05
CA SER C 178 0.80 -34.54 17.64
C SER C 178 1.27 -33.13 17.38
N ILE C 179 1.83 -32.91 16.19
CA ILE C 179 2.28 -31.60 15.77
C ILE C 179 1.53 -31.37 14.47
N GLN C 180 0.75 -30.30 14.42
CA GLN C 180 -0.02 -29.98 13.22
C GLN C 180 0.37 -28.60 12.75
N VAL C 181 0.51 -28.43 11.45
CA VAL C 181 0.91 -27.16 10.89
C VAL C 181 0.02 -26.77 9.71
N TYR C 182 -0.36 -25.50 9.70
CA TYR C 182 -1.17 -24.93 8.64
C TYR C 182 -0.79 -23.46 8.63
N LYS C 183 -1.23 -22.71 7.64
CA LYS C 183 -0.87 -21.30 7.58
C LYS C 183 -2.07 -20.36 7.52
N ILE C 184 -2.01 -19.29 8.31
CA ILE C 184 -3.06 -18.29 8.40
C ILE C 184 -2.63 -17.00 7.70
N PRO C 185 -3.54 -16.37 6.93
CA PRO C 185 -3.23 -15.13 6.22
C PRO C 185 -3.53 -13.85 7.02
N LEU C 186 -2.72 -13.58 8.05
CA LEU C 186 -2.91 -12.40 8.87
C LEU C 186 -2.61 -11.11 8.11
N LYS C 187 -3.45 -10.10 8.33
CA LYS C 187 -3.33 -8.78 7.70
C LYS C 187 -3.72 -7.71 8.71
N GLN C 188 -3.02 -6.57 8.69
CA GLN C 188 -3.28 -5.46 9.61
C GLN C 188 -4.37 -4.54 9.06
N VAL C 189 -5.27 -4.07 9.93
CA VAL C 189 -6.39 -3.21 9.54
C VAL C 189 -6.63 -2.08 10.54
N LEU C 190 -7.29 -1.01 10.09
CA LEU C 190 -7.64 0.10 10.98
C LEU C 190 -9.15 -0.02 11.17
N ASN C 191 -9.55 -0.69 12.25
CA ASN C 191 -10.96 -0.90 12.52
C ASN C 191 -11.60 0.24 13.28
N SER C 192 -12.90 0.39 13.07
CA SER C 192 -13.69 1.45 13.69
C SER C 192 -14.58 0.96 14.82
N TYR C 193 -14.83 1.86 15.77
CA TYR C 193 -15.69 1.62 16.92
C TYR C 193 -16.06 2.97 17.54
N SER C 194 -17.25 3.03 18.16
CA SER C 194 -17.71 4.26 18.80
C SER C 194 -17.63 4.10 20.31
N GLN C 195 -17.09 5.10 20.98
CA GLN C 195 -16.93 5.05 22.42
C GLN C 195 -17.69 6.19 23.05
N THR C 196 -18.36 5.93 24.16
CA THR C 196 -19.13 6.95 24.83
C THR C 196 -18.34 7.51 26.01
N VAL C 197 -18.13 8.81 25.99
CA VAL C 197 -17.42 9.49 27.06
C VAL C 197 -18.47 10.10 27.96
N ALA C 198 -18.37 9.83 29.27
CA ALA C 198 -19.32 10.33 30.26
C ALA C 198 -19.19 11.83 30.56
N THR C 199 -19.90 12.62 29.80
CA THR C 199 -19.89 14.07 29.97
C THR C 199 -21.29 14.46 30.45
N VAL C 200 -21.59 15.77 30.49
CA VAL C 200 -22.92 16.26 30.89
C VAL C 200 -23.76 15.41 29.92
N PRO C 201 -23.92 15.83 28.64
CA PRO C 201 -24.71 14.82 27.91
C PRO C 201 -23.55 13.90 27.46
N PRO C 202 -23.64 12.60 27.75
CA PRO C 202 -22.51 11.78 27.30
C PRO C 202 -22.21 11.97 25.82
N THR C 203 -20.93 12.17 25.49
CA THR C 203 -20.53 12.39 24.11
C THR C 203 -20.01 11.12 23.47
N ASN C 204 -20.45 10.84 22.25
CA ASN C 204 -20.00 9.66 21.54
C ASN C 204 -18.86 10.02 20.60
N LEU C 205 -17.77 9.27 20.68
CA LEU C 205 -16.60 9.51 19.87
C LEU C 205 -16.43 8.46 18.80
N ALA C 206 -15.90 8.86 17.66
CA ALA C 206 -15.63 7.93 16.57
C ALA C 206 -14.15 7.58 16.72
N GLN C 207 -13.86 6.36 17.14
CA GLN C 207 -12.49 5.91 17.38
C GLN C 207 -11.98 4.84 16.38
N ASN C 208 -10.66 4.63 16.35
CA ASN C 208 -10.02 3.64 15.47
C ASN C 208 -9.09 2.79 16.33
N THR C 209 -8.64 1.68 15.74
CA THR C 209 -7.71 0.76 16.37
C THR C 209 -6.96 0.02 15.30
N ILE C 210 -5.67 -0.17 15.52
CA ILE C 210 -4.88 -0.95 14.59
C ILE C 210 -5.20 -2.38 15.03
N ALA C 211 -5.82 -3.15 14.17
CA ALA C 211 -6.15 -4.52 14.52
C ALA C 211 -5.59 -5.50 13.51
N ILE C 212 -5.70 -6.79 13.79
CA ILE C 212 -5.19 -7.82 12.90
C ILE C 212 -6.32 -8.78 12.50
N ASP C 213 -6.52 -8.93 11.19
CA ASP C 213 -7.55 -9.80 10.63
C ASP C 213 -7.12 -11.26 10.48
N GLY C 214 -8.08 -12.16 10.63
CA GLY C 214 -7.79 -13.58 10.45
C GLY C 214 -7.47 -14.47 11.63
N LEU C 215 -7.47 -13.92 12.83
CA LEU C 215 -7.16 -14.72 14.02
C LEU C 215 -8.18 -15.82 14.28
N GLU C 216 -9.33 -15.74 13.64
CA GLU C 216 -10.38 -16.75 13.83
C GLU C 216 -9.91 -18.11 13.36
N ALA C 217 -9.00 -18.12 12.40
CA ALA C 217 -8.46 -19.36 11.85
C ALA C 217 -7.67 -20.10 12.91
N LEU C 218 -7.39 -19.41 14.01
CA LEU C 218 -6.62 -19.96 15.12
C LEU C 218 -7.38 -21.11 15.78
N ASP C 219 -8.61 -21.32 15.32
CA ASP C 219 -9.49 -22.36 15.87
C ASP C 219 -10.00 -23.33 14.81
N ALA C 220 -9.36 -23.42 13.67
CA ALA C 220 -9.84 -24.32 12.63
C ALA C 220 -8.72 -24.89 11.78
N LEU C 221 -8.58 -26.21 11.82
CA LEU C 221 -7.54 -26.87 11.04
C LEU C 221 -8.04 -27.12 9.64
N PRO C 222 -7.49 -26.39 8.65
CA PRO C 222 -7.91 -26.56 7.27
C PRO C 222 -7.31 -27.84 6.73
N ASN C 223 -7.82 -28.25 5.58
CA ASN C 223 -7.36 -29.45 4.89
C ASN C 223 -5.89 -29.30 4.44
N ASN C 224 -5.47 -28.06 4.22
CA ASN C 224 -4.10 -27.78 3.80
C ASN C 224 -3.27 -27.88 5.04
N ASN C 225 -3.12 -29.07 5.61
CA ASN C 225 -2.33 -29.14 6.82
C ASN C 225 -1.44 -30.33 6.93
N TYR C 226 -0.50 -30.22 7.86
CA TYR C 226 0.42 -31.28 8.15
C TYR C 226 0.00 -31.74 9.52
N SER C 227 -0.26 -33.02 9.67
CA SER C 227 -0.62 -33.56 10.96
C SER C 227 0.28 -34.79 11.08
N GLY C 228 1.09 -34.81 12.13
CA GLY C 228 1.98 -35.93 12.35
C GLY C 228 2.21 -36.14 13.82
N SER C 229 2.97 -37.17 14.19
CA SER C 229 3.21 -37.45 15.61
C SER C 229 4.26 -36.49 16.12
N PHE C 230 4.25 -36.26 17.42
CA PHE C 230 5.16 -35.32 18.04
C PHE C 230 6.62 -35.57 17.81
N ILE C 231 7.00 -36.83 17.82
CA ILE C 231 8.41 -37.17 17.69
C ILE C 231 8.98 -37.15 16.27
N GLU C 232 8.38 -36.33 15.43
CA GLU C 232 8.79 -36.10 14.05
C GLU C 232 8.43 -34.63 13.96
N GLY C 233 9.19 -33.81 14.68
CA GLY C 233 8.91 -32.40 14.70
C GLY C 233 8.74 -31.88 13.29
N CYS C 234 8.10 -30.74 13.18
CA CYS C 234 7.87 -30.16 11.89
C CYS C 234 9.03 -29.28 11.45
N TYR C 235 8.83 -28.68 10.28
CA TYR C 235 9.75 -27.75 9.67
C TYR C 235 8.97 -27.12 8.52
N SER C 236 8.65 -25.84 8.62
CA SER C 236 7.95 -25.17 7.55
C SER C 236 8.50 -23.77 7.41
N GLN C 237 8.23 -23.17 6.26
CA GLN C 237 8.70 -21.84 5.96
C GLN C 237 7.63 -21.23 5.12
N SER C 238 7.39 -19.93 5.30
CA SER C 238 6.38 -19.26 4.49
C SER C 238 7.04 -18.35 3.47
N VAL C 239 6.23 -17.91 2.51
CA VAL C 239 6.67 -17.09 1.41
C VAL C 239 5.88 -15.79 1.43
N CYS C 240 6.29 -14.86 0.58
CA CYS C 240 5.66 -13.56 0.44
C CYS C 240 4.16 -13.59 0.11
N ASN C 241 3.44 -12.68 0.76
CA ASN C 241 1.99 -12.47 0.70
C ASN C 241 1.55 -11.66 -0.50
N GLU C 242 2.48 -11.06 -1.22
CA GLU C 242 2.11 -10.19 -2.32
C GLU C 242 3.03 -10.13 -3.53
N PRO C 243 2.62 -9.40 -4.58
CA PRO C 243 3.41 -9.26 -5.80
C PRO C 243 4.80 -8.67 -5.55
N GLU C 244 4.85 -7.55 -4.84
CA GLU C 244 6.12 -6.88 -4.56
C GLU C 244 6.46 -6.89 -3.06
N PHE C 245 7.76 -6.80 -2.77
CA PHE C 245 8.26 -6.76 -1.40
C PHE C 245 8.40 -5.29 -0.99
N GLU C 246 7.32 -4.67 -0.53
CA GLU C 246 7.42 -3.27 -0.15
C GLU C 246 7.72 -3.03 1.32
N PHE C 247 8.42 -1.94 1.59
CA PHE C 247 8.83 -1.57 2.94
C PHE C 247 7.69 -1.09 3.83
N HIS C 248 7.77 -1.46 5.10
CA HIS C 248 6.77 -1.10 6.09
C HIS C 248 7.39 -0.26 7.19
N PRO C 249 6.69 0.79 7.63
CA PRO C 249 7.23 1.64 8.68
C PRO C 249 7.17 0.91 10.00
N ILE C 250 8.03 1.30 10.92
CA ILE C 250 8.08 0.69 12.22
C ILE C 250 7.23 1.45 13.23
N MET C 251 6.13 0.81 13.63
CA MET C 251 5.19 1.39 14.57
C MET C 251 5.73 1.57 15.98
N GLU C 252 5.21 2.59 16.66
CA GLU C 252 5.63 2.91 18.01
C GLU C 252 4.44 3.11 18.94
N GLY C 253 4.61 2.71 20.20
CA GLY C 253 3.57 2.86 21.20
C GLY C 253 2.62 1.68 21.31
N TYR C 254 2.91 0.62 20.56
CA TYR C 254 2.06 -0.55 20.59
C TYR C 254 2.55 -1.65 21.52
N ALA C 255 1.97 -1.72 22.71
CA ALA C 255 2.32 -2.73 23.69
C ALA C 255 1.58 -4.04 23.44
N SER C 256 0.45 -3.95 22.76
CA SER C 256 -0.37 -5.11 22.43
C SER C 256 -1.03 -4.75 21.11
N VAL C 257 -1.56 -5.72 20.36
CA VAL C 257 -2.19 -5.35 19.10
C VAL C 257 -3.38 -4.47 19.37
N PRO C 258 -4.42 -4.97 20.08
CA PRO C 258 -5.46 -3.95 20.28
C PRO C 258 -4.69 -3.06 21.26
N PRO C 259 -4.32 -1.83 20.86
CA PRO C 259 -3.56 -0.95 21.74
C PRO C 259 -4.14 -0.88 23.14
N ALA C 260 -3.28 -0.58 24.12
CA ALA C 260 -3.72 -0.48 25.51
C ALA C 260 -4.90 0.48 25.62
N ASN C 261 -5.95 0.02 26.32
CA ASN C 261 -7.19 0.75 26.57
C ASN C 261 -8.30 0.43 25.58
N VAL C 262 -8.01 -0.41 24.59
CA VAL C 262 -9.00 -0.82 23.59
C VAL C 262 -9.44 -2.24 23.91
N THR C 263 -10.74 -2.46 23.85
CA THR C 263 -11.30 -3.78 24.12
C THR C 263 -11.07 -4.66 22.92
N ASN C 264 -10.94 -5.95 23.19
CA ASN C 264 -10.75 -6.94 22.14
C ASN C 264 -11.91 -6.78 21.16
N ALA C 265 -13.09 -6.51 21.70
CA ALA C 265 -14.30 -6.35 20.90
C ALA C 265 -14.37 -5.03 20.13
N GLN C 266 -13.81 -3.97 20.72
CA GLN C 266 -13.82 -2.66 20.07
C GLN C 266 -12.92 -2.76 18.84
N ALA C 267 -11.84 -3.51 18.99
CA ALA C 267 -10.88 -3.73 17.91
C ALA C 267 -11.43 -4.75 16.92
N SER C 268 -12.61 -5.28 17.21
CA SER C 268 -13.27 -6.29 16.38
C SER C 268 -12.41 -7.54 16.17
N MET C 269 -11.52 -7.79 17.14
CA MET C 269 -10.61 -8.93 17.10
C MET C 269 -11.09 -10.16 17.86
N PHE C 270 -10.50 -11.30 17.50
CA PHE C 270 -10.78 -12.61 18.06
C PHE C 270 -10.07 -12.80 19.41
N THR C 271 -8.75 -12.64 19.39
CA THR C 271 -7.89 -12.76 20.56
C THR C 271 -6.95 -11.56 20.42
N ASN C 272 -6.20 -11.24 21.46
CA ASN C 272 -5.27 -10.12 21.39
C ASN C 272 -3.83 -10.63 21.43
N LEU C 273 -2.90 -9.84 20.91
CA LEU C 273 -1.51 -10.25 20.94
C LEU C 273 -0.84 -9.34 21.95
N THR C 274 -0.15 -9.93 22.93
CA THR C 274 0.52 -9.14 23.94
C THR C 274 2.03 -9.24 23.84
N PHE C 275 2.68 -8.09 23.83
CA PHE C 275 4.13 -8.02 23.76
C PHE C 275 4.58 -7.33 25.05
N SER C 276 5.22 -8.07 25.94
CA SER C 276 5.69 -7.50 27.19
C SER C 276 7.17 -7.12 27.09
N GLY C 277 7.45 -5.83 27.25
CA GLY C 277 8.81 -5.34 27.11
C GLY C 277 8.89 -5.05 25.63
N ALA C 278 9.02 -6.12 24.85
CA ALA C 278 9.02 -6.01 23.40
C ALA C 278 7.70 -5.33 23.07
N ARG C 279 7.62 -4.70 21.90
CA ARG C 279 6.39 -4.04 21.51
C ARG C 279 6.05 -4.39 20.08
N TYR C 280 4.79 -4.19 19.69
CA TYR C 280 4.34 -4.46 18.33
C TYR C 280 4.96 -3.43 17.40
N THR C 281 5.82 -3.91 16.50
CA THR C 281 6.51 -3.07 15.54
C THR C 281 5.81 -2.97 14.19
N GLY C 282 5.06 -4.01 13.86
CA GLY C 282 4.33 -4.04 12.60
C GLY C 282 4.14 -5.48 12.19
N LEU C 283 3.51 -5.69 11.03
CA LEU C 283 3.28 -7.03 10.52
C LEU C 283 3.84 -7.03 9.12
N GLY C 284 4.62 -8.04 8.80
CA GLY C 284 5.23 -8.16 7.48
C GLY C 284 4.30 -8.78 6.47
N ASP C 285 4.82 -9.11 5.30
CA ASP C 285 4.01 -9.70 4.25
C ASP C 285 4.13 -11.21 4.12
N MET C 286 4.32 -11.91 5.22
CA MET C 286 4.40 -13.37 5.15
C MET C 286 3.12 -13.94 5.76
N ASP C 287 2.77 -15.15 5.36
CA ASP C 287 1.59 -15.79 5.93
C ASP C 287 2.09 -16.41 7.22
N ALA C 288 1.36 -16.23 8.32
CA ALA C 288 1.79 -16.79 9.60
C ALA C 288 1.78 -18.32 9.56
N ILE C 289 2.82 -18.93 10.12
CA ILE C 289 2.92 -20.38 10.18
C ILE C 289 2.35 -20.76 11.55
N ALA C 290 1.26 -21.52 11.56
CA ALA C 290 0.65 -21.92 12.82
C ALA C 290 1.03 -23.34 13.20
N ILE C 291 1.74 -23.49 14.32
CA ILE C 291 2.17 -24.79 14.80
C ILE C 291 1.38 -25.13 16.07
N LEU C 292 0.65 -26.25 16.04
CA LEU C 292 -0.16 -26.68 17.17
C LEU C 292 0.29 -28.03 17.72
N VAL C 293 0.90 -28.01 18.90
CA VAL C 293 1.38 -29.21 19.56
C VAL C 293 0.42 -29.63 20.67
N THR C 294 -0.17 -30.82 20.51
CA THR C 294 -1.10 -31.37 21.47
C THR C 294 -0.40 -32.43 22.31
N THR C 295 -0.26 -32.18 23.62
CA THR C 295 0.41 -33.14 24.50
C THR C 295 -0.57 -33.64 25.57
N PRO C 296 -0.71 -34.96 25.70
CA PRO C 296 -1.62 -35.54 26.69
C PRO C 296 -1.02 -35.46 28.08
N THR C 297 -1.86 -35.66 29.09
CA THR C 297 -1.40 -35.64 30.46
C THR C 297 -0.62 -36.93 30.66
N GLY C 298 0.61 -36.81 31.16
CA GLY C 298 1.43 -37.98 31.39
C GLY C 298 2.52 -38.20 30.37
N ALA C 299 2.53 -37.38 29.33
CA ALA C 299 3.54 -37.49 28.30
C ALA C 299 4.56 -36.39 28.51
N VAL C 300 5.81 -36.67 28.14
CA VAL C 300 6.87 -35.71 28.28
C VAL C 300 7.31 -35.32 26.87
N ASN C 301 6.79 -34.19 26.40
CA ASN C 301 7.14 -33.73 25.07
C ASN C 301 8.04 -32.53 25.20
N THR C 302 9.32 -32.76 24.93
CA THR C 302 10.33 -31.73 25.00
C THR C 302 10.92 -31.60 23.61
N ALA C 303 11.46 -30.42 23.29
CA ALA C 303 12.04 -30.19 21.99
C ALA C 303 12.91 -28.95 22.00
N VAL C 304 13.43 -28.63 20.82
CA VAL C 304 14.26 -27.46 20.64
C VAL C 304 13.52 -26.70 19.55
N LEU C 305 12.94 -25.57 19.91
CA LEU C 305 12.22 -24.72 18.98
C LEU C 305 13.25 -23.83 18.28
N LYS C 306 13.07 -23.63 16.99
CA LYS C 306 13.97 -22.79 16.22
C LYS C 306 13.14 -21.95 15.28
N VAL C 307 13.40 -20.65 15.24
CA VAL C 307 12.66 -19.75 14.37
C VAL C 307 13.66 -18.90 13.60
N TRP C 308 13.53 -18.85 12.29
CA TRP C 308 14.42 -18.08 11.44
C TRP C 308 13.67 -16.95 10.74
N ALA C 309 14.37 -15.85 10.49
CA ALA C 309 13.76 -14.71 9.80
C ALA C 309 14.80 -13.68 9.39
N CYS C 310 15.02 -13.57 8.09
CA CYS C 310 15.95 -12.59 7.53
C CYS C 310 15.08 -11.42 7.11
N VAL C 311 15.30 -10.26 7.74
CA VAL C 311 14.53 -9.07 7.45
C VAL C 311 15.45 -7.97 6.97
N GLU C 312 15.01 -7.23 5.96
CA GLU C 312 15.77 -6.12 5.43
C GLU C 312 15.23 -4.85 6.10
N TYR C 313 16.10 -4.17 6.85
CA TYR C 313 15.70 -2.96 7.54
C TYR C 313 16.34 -1.73 6.91
N ARG C 314 15.66 -0.60 7.00
CA ARG C 314 16.18 0.66 6.50
C ARG C 314 16.83 1.31 7.70
N PRO C 315 18.18 1.36 7.73
CA PRO C 315 18.92 1.96 8.85
C PRO C 315 18.69 3.45 9.00
N ASN C 316 18.63 3.89 10.25
CA ASN C 316 18.44 5.29 10.59
C ASN C 316 19.85 5.87 10.63
N PRO C 317 20.13 6.90 9.82
CA PRO C 317 21.45 7.54 9.77
C PRO C 317 22.03 7.89 11.13
N ASN C 318 21.16 7.95 12.13
CA ASN C 318 21.54 8.30 13.48
C ASN C 318 22.11 7.15 14.32
N SER C 319 21.89 5.91 13.90
CA SER C 319 22.37 4.77 14.70
C SER C 319 23.73 4.24 14.30
N THR C 320 24.42 3.68 15.30
CA THR C 320 25.74 3.11 15.12
C THR C 320 25.70 1.91 14.18
N LEU C 321 24.54 1.27 14.07
CA LEU C 321 24.35 0.12 13.20
C LEU C 321 24.40 0.46 11.73
N TYR C 322 24.22 1.75 11.42
CA TYR C 322 24.22 2.21 10.04
C TYR C 322 25.49 1.80 9.29
N GLU C 323 26.59 1.63 10.01
CA GLU C 323 27.85 1.25 9.39
C GLU C 323 27.93 -0.19 8.91
N PHE C 324 26.92 -0.99 9.25
CA PHE C 324 26.88 -2.38 8.83
C PHE C 324 25.98 -2.53 7.59
N ALA C 325 25.22 -1.47 7.29
CA ALA C 325 24.30 -1.46 6.17
C ALA C 325 25.00 -1.57 4.82
N ARG C 326 24.35 -2.27 3.89
CA ARG C 326 24.88 -2.47 2.56
C ARG C 326 23.69 -2.35 1.61
N GLU C 327 23.93 -2.28 0.31
CA GLU C 327 22.87 -2.15 -0.66
C GLU C 327 22.11 -3.47 -0.89
N SER C 328 20.85 -3.37 -1.34
CA SER C 328 20.05 -4.56 -1.65
C SER C 328 20.58 -5.11 -2.95
N PRO C 329 20.49 -6.44 -3.13
CA PRO C 329 20.96 -7.05 -4.36
C PRO C 329 20.12 -6.51 -5.52
N ALA C 330 20.75 -6.47 -6.69
CA ALA C 330 20.10 -5.99 -7.89
C ALA C 330 19.06 -6.98 -8.36
N ASN C 331 18.08 -6.47 -9.09
CA ASN C 331 16.98 -7.27 -9.60
C ASN C 331 17.43 -8.50 -10.40
N ASP C 332 16.91 -9.65 -10.00
CA ASP C 332 17.22 -10.91 -10.65
C ASP C 332 15.88 -11.55 -10.89
N GLU C 333 15.34 -11.35 -12.09
CA GLU C 333 14.04 -11.90 -12.43
C GLU C 333 13.99 -13.43 -12.37
N TYR C 334 15.15 -14.07 -12.45
CA TYR C 334 15.24 -15.52 -12.39
C TYR C 334 15.10 -16.01 -10.98
N ALA C 335 15.73 -15.32 -10.04
CA ALA C 335 15.64 -15.74 -8.65
C ALA C 335 14.19 -15.58 -8.22
N LEU C 336 13.58 -14.47 -8.62
CA LEU C 336 12.21 -14.17 -8.27
C LEU C 336 11.18 -15.05 -8.99
N ALA C 337 11.59 -15.66 -10.09
CA ALA C 337 10.72 -16.55 -10.85
C ALA C 337 10.79 -17.94 -10.24
N ALA C 338 11.99 -18.32 -9.81
CA ALA C 338 12.22 -19.61 -9.19
C ALA C 338 11.56 -19.60 -7.81
N TYR C 339 11.66 -18.44 -7.15
CA TYR C 339 11.10 -18.25 -5.83
C TYR C 339 9.67 -18.72 -5.80
N ARG C 340 8.90 -18.32 -6.82
CA ARG C 340 7.51 -18.68 -6.87
C ARG C 340 7.13 -20.06 -7.36
N LYS C 341 7.99 -20.71 -8.16
CA LYS C 341 7.67 -22.05 -8.59
C LYS C 341 7.93 -22.94 -7.39
N ILE C 342 9.09 -22.75 -6.76
CA ILE C 342 9.47 -23.54 -5.60
C ILE C 342 8.44 -23.34 -4.51
N ALA C 343 7.86 -22.14 -4.45
CA ALA C 343 6.85 -21.81 -3.46
C ALA C 343 5.62 -22.69 -3.64
N ARG C 344 5.18 -22.84 -4.89
CA ARG C 344 4.02 -23.65 -5.26
C ARG C 344 4.16 -25.15 -5.00
N ASP C 345 5.30 -25.70 -5.41
CA ASP C 345 5.58 -27.13 -5.29
C ASP C 345 6.12 -27.55 -3.92
N ILE C 346 6.00 -26.66 -2.95
CA ILE C 346 6.50 -26.95 -1.61
C ILE C 346 5.39 -27.37 -0.64
N PRO C 347 5.66 -28.43 0.15
CA PRO C 347 4.68 -28.91 1.13
C PRO C 347 4.58 -27.93 2.30
N ILE C 348 3.40 -27.87 2.92
CA ILE C 348 3.16 -26.96 4.03
C ILE C 348 4.17 -27.10 5.17
N ALA C 349 4.54 -28.34 5.45
CA ALA C 349 5.51 -28.62 6.49
C ALA C 349 6.07 -30.01 6.23
N VAL C 350 7.24 -30.26 6.77
CA VAL C 350 7.90 -31.54 6.62
C VAL C 350 8.38 -31.94 8.00
N ALA C 351 8.79 -33.18 8.16
CA ALA C 351 9.30 -33.64 9.44
C ALA C 351 10.72 -33.08 9.51
N CYS C 352 11.30 -33.09 10.71
CA CYS C 352 12.66 -32.57 10.92
C CYS C 352 13.62 -33.02 9.84
N LYS C 353 13.75 -34.34 9.71
CA LYS C 353 14.65 -34.98 8.75
C LYS C 353 14.74 -34.41 7.33
N ASP C 354 13.72 -33.69 6.87
CA ASP C 354 13.74 -33.16 5.52
C ASP C 354 13.90 -31.65 5.43
N ASN C 355 14.59 -31.08 6.41
CA ASN C 355 14.82 -29.64 6.45
C ASN C 355 16.15 -29.23 5.82
N ALA D 1 15.64 -36.31 2.27
CA ALA D 1 16.72 -35.46 1.71
C ALA D 1 16.49 -34.04 2.21
N THR D 2 17.57 -33.29 2.41
CA THR D 2 17.47 -31.91 2.90
C THR D 2 16.57 -31.07 2.00
N PHE D 3 16.04 -29.99 2.57
CA PHE D 3 15.17 -29.12 1.82
C PHE D 3 15.85 -28.54 0.60
N TRP D 4 17.15 -28.33 0.67
CA TRP D 4 17.84 -27.78 -0.49
C TRP D 4 17.87 -28.75 -1.66
N GLU D 5 18.08 -30.02 -1.38
CA GLU D 5 18.14 -31.03 -2.43
C GLU D 5 16.82 -31.11 -3.18
N ARG D 6 15.71 -30.86 -2.49
CA ARG D 6 14.40 -30.90 -3.14
C ARG D 6 14.12 -29.59 -3.86
N VAL D 7 14.65 -28.49 -3.34
CA VAL D 7 14.47 -27.20 -3.97
C VAL D 7 15.19 -27.30 -5.33
N ARG D 8 16.30 -28.02 -5.33
CA ARG D 8 17.08 -28.25 -6.54
C ARG D 8 16.29 -28.94 -7.63
N SER D 9 15.78 -30.13 -7.33
CA SER D 9 15.00 -30.91 -8.28
C SER D 9 13.87 -30.11 -8.94
N ILE D 10 13.25 -29.22 -8.19
CA ILE D 10 12.17 -28.38 -8.71
C ILE D 10 12.77 -27.46 -9.78
N LEU D 11 13.97 -26.96 -9.52
CA LEU D 11 14.67 -26.09 -10.47
C LEU D 11 15.05 -26.88 -11.71
N LYS D 12 15.66 -28.05 -11.47
CA LYS D 12 16.08 -28.93 -12.56
C LYS D 12 14.91 -29.33 -13.45
N SER D 13 13.73 -29.51 -12.86
CA SER D 13 12.56 -29.93 -13.63
C SER D 13 12.05 -28.93 -14.70
N GLY D 14 12.26 -27.63 -14.51
CA GLY D 14 11.82 -26.69 -15.53
C GLY D 14 11.12 -25.39 -15.22
N LEU D 15 11.57 -24.35 -15.90
CA LEU D 15 11.01 -23.01 -15.75
C LEU D 15 10.97 -22.39 -17.15
N ASN D 16 9.76 -22.16 -17.67
CA ASN D 16 9.59 -21.58 -19.01
C ASN D 16 9.81 -20.06 -18.98
N PHE D 17 9.01 -19.38 -18.16
CA PHE D 17 9.06 -17.91 -18.00
C PHE D 17 8.52 -17.13 -19.21
N ARG E 8 -43.66 -10.85 -37.81
CA ARG E 8 -43.50 -11.34 -36.41
C ARG E 8 -43.67 -10.20 -35.43
N ARG E 9 -44.55 -10.39 -34.45
CA ARG E 9 -44.83 -9.37 -33.44
C ARG E 9 -43.57 -8.80 -32.78
N ARG E 10 -42.65 -9.66 -32.38
CA ARG E 10 -41.49 -9.15 -31.69
C ARG E 10 -40.09 -8.90 -32.23
N ALA E 11 -39.83 -9.25 -33.48
CA ALA E 11 -38.51 -8.98 -34.02
C ALA E 11 -38.26 -7.45 -33.94
N ALA E 12 -39.35 -6.70 -33.86
CA ALA E 12 -39.32 -5.23 -33.80
C ALA E 12 -38.67 -4.52 -32.58
N PRO E 13 -39.45 -3.98 -31.61
CA PRO E 13 -38.69 -3.33 -30.53
C PRO E 13 -37.93 -4.26 -29.61
N ARG E 14 -37.80 -5.53 -30.00
CA ARG E 14 -37.05 -6.47 -29.18
C ARG E 14 -35.61 -5.97 -29.18
N GLN E 15 -34.89 -6.23 -30.28
CA GLN E 15 -33.49 -5.85 -30.39
C GLN E 15 -33.07 -4.40 -30.16
N GLN E 16 -33.98 -3.42 -30.31
CA GLN E 16 -33.57 -2.03 -30.10
C GLN E 16 -33.43 -1.70 -28.61
N GLN E 17 -33.76 -2.68 -27.77
CA GLN E 17 -33.63 -2.63 -26.31
C GLN E 17 -32.79 -3.89 -26.15
N ARG E 18 -31.56 -3.76 -25.68
CA ARG E 18 -30.69 -4.93 -25.61
C ARG E 18 -31.00 -6.19 -24.83
N GLN E 19 -30.57 -7.28 -25.46
CA GLN E 19 -30.67 -8.64 -24.98
C GLN E 19 -29.60 -8.75 -23.91
N GLN E 20 -29.76 -9.67 -22.97
CA GLN E 20 -28.78 -9.76 -21.90
C GLN E 20 -28.03 -11.07 -21.70
N SER E 21 -28.67 -12.22 -21.94
CA SER E 21 -28.00 -13.52 -21.75
C SER E 21 -28.68 -14.69 -22.44
N ASN E 22 -27.86 -15.50 -23.11
CA ASN E 22 -28.33 -16.70 -23.80
C ASN E 22 -27.48 -17.89 -23.37
N ARG E 23 -28.16 -18.91 -22.84
CA ARG E 23 -27.48 -20.12 -22.34
C ARG E 23 -27.80 -21.36 -23.19
N ALA E 24 -27.32 -22.50 -22.69
CA ALA E 24 -27.52 -23.79 -23.36
C ALA E 24 -28.79 -24.48 -22.83
N LEU E 49 -0.67 -13.21 -29.44
CA LEU E 49 -1.63 -14.31 -29.15
C LEU E 49 -1.08 -15.39 -28.19
N LYS E 50 0.24 -15.42 -28.01
CA LYS E 50 0.88 -16.41 -27.12
C LYS E 50 0.81 -16.00 -25.64
N MET E 51 -0.26 -16.41 -24.98
CA MET E 51 -0.50 -16.10 -23.58
C MET E 51 -0.86 -17.37 -22.84
N SER E 52 -0.81 -17.31 -21.53
CA SER E 52 -1.19 -18.43 -20.71
C SER E 52 -2.71 -18.40 -20.76
N ALA E 53 -3.35 -19.55 -20.58
CA ALA E 53 -4.80 -19.60 -20.59
C ALA E 53 -5.36 -18.64 -19.55
N PRO E 54 -4.91 -18.76 -18.27
CA PRO E 54 -5.41 -17.85 -17.24
C PRO E 54 -5.15 -16.38 -17.55
N GLY E 55 -4.13 -16.12 -18.37
CA GLY E 55 -3.79 -14.77 -18.75
C GLY E 55 -4.78 -14.26 -19.77
N LEU E 56 -5.25 -15.17 -20.60
CA LEU E 56 -6.23 -14.82 -21.63
C LEU E 56 -7.56 -14.63 -20.94
N ASP E 57 -7.87 -15.55 -20.02
CA ASP E 57 -9.11 -15.50 -19.27
C ASP E 57 -9.20 -14.19 -18.53
N PHE E 58 -8.08 -13.76 -17.95
CA PHE E 58 -8.00 -12.50 -17.23
C PHE E 58 -8.47 -11.36 -18.15
N LEU E 59 -8.04 -11.42 -19.40
CA LEU E 59 -8.43 -10.40 -20.38
C LEU E 59 -9.91 -10.45 -20.71
N LYS E 60 -10.43 -11.65 -20.90
CA LYS E 60 -11.84 -11.86 -21.22
C LYS E 60 -12.72 -11.30 -20.10
N CYS E 61 -12.31 -11.56 -18.87
CA CYS E 61 -13.03 -11.09 -17.70
C CYS E 61 -12.95 -9.57 -17.54
N ALA E 62 -11.73 -9.04 -17.63
CA ALA E 62 -11.50 -7.61 -17.48
C ALA E 62 -12.28 -6.75 -18.48
N PHE E 63 -12.26 -7.14 -19.74
CA PHE E 63 -12.91 -6.36 -20.80
C PHE E 63 -14.23 -6.87 -21.37
N ALA E 64 -14.44 -8.18 -21.39
CA ALA E 64 -15.66 -8.74 -21.98
C ALA E 64 -16.45 -9.65 -21.04
N SER E 65 -16.68 -9.22 -19.80
CA SER E 65 -17.42 -10.02 -18.81
C SER E 65 -18.78 -10.51 -19.29
N PRO E 66 -19.59 -9.62 -19.91
CA PRO E 66 -20.91 -10.03 -20.38
C PRO E 66 -20.91 -11.15 -21.42
N ASP E 67 -19.86 -11.20 -22.25
CA ASP E 67 -19.75 -12.23 -23.28
C ASP E 67 -19.44 -13.59 -22.67
N PHE E 68 -19.20 -13.61 -21.36
CA PHE E 68 -18.87 -14.84 -20.67
C PHE E 68 -19.65 -15.09 -19.37
N SER E 69 -20.23 -16.29 -19.29
CA SER E 69 -21.01 -16.73 -18.12
C SER E 69 -20.20 -17.76 -17.34
N THR E 70 -18.93 -17.88 -17.72
CA THR E 70 -18.01 -18.84 -17.13
C THR E 70 -17.56 -18.58 -15.68
N ASP E 71 -16.91 -19.58 -15.10
CA ASP E 71 -16.39 -19.55 -13.73
C ASP E 71 -15.45 -18.35 -13.56
N PRO E 72 -15.11 -17.98 -12.31
CA PRO E 72 -14.20 -16.84 -12.16
C PRO E 72 -12.86 -17.14 -12.80
N GLY E 73 -12.49 -16.34 -13.80
CA GLY E 73 -11.20 -16.52 -14.46
C GLY E 73 -10.20 -16.62 -13.33
N LYS E 74 -9.46 -17.73 -13.31
CA LYS E 74 -8.46 -18.06 -12.28
C LYS E 74 -8.01 -16.95 -11.32
N GLY E 75 -7.92 -15.73 -11.82
CA GLY E 75 -7.53 -14.62 -11.01
C GLY E 75 -6.64 -13.72 -11.83
N ILE E 76 -5.61 -13.18 -11.17
CA ILE E 76 -4.68 -12.28 -11.83
C ILE E 76 -3.35 -12.96 -12.14
N PRO E 77 -2.97 -13.01 -13.43
CA PRO E 77 -1.74 -13.62 -13.92
C PRO E 77 -0.57 -12.72 -13.53
N ASP E 78 -0.45 -12.45 -12.24
CA ASP E 78 0.60 -11.60 -11.74
C ASP E 78 1.32 -12.38 -10.68
N LYS E 79 2.58 -12.00 -10.48
CA LYS E 79 3.54 -12.59 -9.56
C LYS E 79 3.07 -13.45 -8.40
N PHE E 80 2.19 -12.90 -7.57
CA PHE E 80 1.63 -13.62 -6.43
C PHE E 80 1.00 -14.95 -6.89
N GLN E 81 1.41 -16.05 -6.26
CA GLN E 81 0.89 -17.39 -6.57
C GLN E 81 0.45 -18.15 -5.32
N GLY E 82 -0.25 -17.46 -4.42
CA GLY E 82 -0.72 -18.08 -3.19
C GLY E 82 -2.19 -18.46 -3.26
N LEU E 83 -2.68 -19.13 -2.23
CA LEU E 83 -4.08 -19.56 -2.17
C LEU E 83 -5.01 -18.37 -2.22
N VAL E 84 -5.90 -18.40 -3.20
CA VAL E 84 -6.84 -17.33 -3.42
C VAL E 84 -8.21 -17.92 -3.74
N LEU E 85 -9.25 -17.12 -3.51
CA LEU E 85 -10.60 -17.56 -3.81
C LEU E 85 -11.11 -16.63 -4.90
N PRO E 86 -11.02 -17.05 -6.16
CA PRO E 86 -11.48 -16.21 -7.26
C PRO E 86 -12.99 -16.15 -7.22
N LYS E 87 -13.53 -14.99 -6.93
CA LYS E 87 -14.98 -14.85 -6.90
C LYS E 87 -15.48 -13.86 -7.92
N LYS E 88 -16.54 -14.23 -8.62
CA LYS E 88 -17.14 -13.39 -9.63
C LYS E 88 -18.47 -12.86 -9.08
N HIS E 89 -18.55 -11.57 -8.83
CA HIS E 89 -19.77 -10.94 -8.33
C HIS E 89 -20.58 -10.43 -9.49
N CYS E 90 -21.88 -10.68 -9.49
CA CYS E 90 -22.78 -10.23 -10.55
C CYS E 90 -24.09 -9.75 -9.97
N LEU E 91 -24.54 -8.58 -10.42
CA LEU E 91 -25.80 -8.00 -9.96
C LEU E 91 -26.67 -7.71 -11.15
N THR E 92 -27.87 -8.28 -11.14
CA THR E 92 -28.85 -8.06 -12.20
C THR E 92 -30.00 -7.39 -11.47
N GLN E 93 -30.24 -6.11 -11.74
CA GLN E 93 -31.31 -5.41 -11.05
C GLN E 93 -32.00 -4.35 -11.88
N SER E 94 -33.33 -4.41 -11.93
CA SER E 94 -34.11 -3.46 -12.69
C SER E 94 -34.20 -2.13 -11.95
N ILE E 95 -33.95 -1.04 -12.68
CA ILE E 95 -34.00 0.30 -12.11
C ILE E 95 -35.05 1.14 -12.83
N THR E 96 -35.71 2.02 -12.08
CA THR E 96 -36.67 2.94 -12.66
C THR E 96 -36.17 4.33 -12.23
N PHE E 97 -35.82 5.14 -13.22
CA PHE E 97 -35.30 6.47 -12.97
C PHE E 97 -36.45 7.46 -12.87
N THR E 98 -36.42 8.27 -11.82
CA THR E 98 -37.46 9.25 -11.58
C THR E 98 -37.34 10.49 -12.46
N PRO E 99 -38.47 10.95 -13.01
CA PRO E 99 -38.56 12.11 -13.89
C PRO E 99 -38.15 13.41 -13.22
N GLY E 100 -37.42 14.23 -13.96
CA GLY E 100 -36.97 15.51 -13.46
C GLY E 100 -35.77 15.43 -12.54
N LYS E 101 -35.09 14.29 -12.56
CA LYS E 101 -33.92 14.10 -11.73
C LYS E 101 -32.81 13.33 -12.40
N GLN E 102 -31.58 13.72 -12.06
CA GLN E 102 -30.42 13.03 -12.57
C GLN E 102 -30.13 12.01 -11.48
N THR E 103 -29.92 10.76 -11.87
CA THR E 103 -29.63 9.73 -10.88
C THR E 103 -28.21 9.21 -11.12
N MET E 104 -27.44 9.14 -10.04
CA MET E 104 -26.05 8.68 -10.08
C MET E 104 -25.93 7.23 -9.71
N LEU E 105 -25.30 6.45 -10.58
CA LEU E 105 -25.05 5.05 -10.31
C LEU E 105 -23.54 5.01 -10.29
N LEU E 106 -22.98 5.05 -9.09
CA LEU E 106 -21.53 5.03 -8.90
C LEU E 106 -21.05 3.61 -8.68
N VAL E 107 -20.34 3.07 -9.65
CA VAL E 107 -19.81 1.72 -9.56
C VAL E 107 -18.38 1.82 -9.02
N ALA E 108 -18.26 1.72 -7.69
CA ALA E 108 -16.97 1.80 -7.01
C ALA E 108 -16.48 0.42 -6.62
N PRO E 109 -15.15 0.22 -6.60
CA PRO E 109 -14.56 -1.07 -6.24
C PRO E 109 -14.55 -1.40 -4.74
N ILE E 110 -15.72 -1.45 -4.12
CA ILE E 110 -15.85 -1.79 -2.71
C ILE E 110 -16.33 -3.25 -2.69
N PRO E 111 -15.56 -4.16 -2.06
CA PRO E 111 -15.83 -5.58 -1.95
C PRO E 111 -17.23 -6.15 -2.06
N GLY E 112 -18.06 -6.01 -1.03
CA GLY E 112 -19.39 -6.59 -1.11
C GLY E 112 -20.44 -5.88 -1.93
N ILE E 113 -20.33 -4.56 -2.01
CA ILE E 113 -21.29 -3.71 -2.72
C ILE E 113 -21.12 -3.63 -4.24
N ALA E 114 -22.24 -3.66 -4.96
CA ALA E 114 -22.26 -3.56 -6.42
C ALA E 114 -22.05 -2.12 -6.85
N CYS E 115 -22.96 -1.25 -6.43
CA CYS E 115 -22.85 0.18 -6.73
C CYS E 115 -23.50 1.03 -5.64
N LEU E 116 -23.41 2.35 -5.79
CA LEU E 116 -23.99 3.29 -4.85
C LEU E 116 -24.88 4.18 -5.71
N LYS E 117 -26.08 4.44 -5.24
CA LYS E 117 -27.03 5.25 -6.00
C LYS E 117 -27.42 6.52 -5.26
N ALA E 118 -27.75 7.57 -6.01
CA ALA E 118 -28.17 8.85 -5.45
C ALA E 118 -28.97 9.58 -6.52
N GLU E 119 -29.86 10.47 -6.09
CA GLU E 119 -30.69 11.25 -7.02
C GLU E 119 -30.61 12.71 -6.66
N ALA E 120 -30.68 13.58 -7.66
CA ALA E 120 -30.63 15.00 -7.43
C ALA E 120 -31.41 15.68 -8.55
N ASN E 121 -32.00 16.82 -8.22
CA ASN E 121 -32.77 17.59 -9.18
C ASN E 121 -31.86 17.82 -10.38
N VAL E 122 -32.45 17.83 -11.56
CA VAL E 122 -31.69 18.00 -12.79
C VAL E 122 -30.52 18.98 -12.82
N GLY E 123 -30.68 20.16 -12.23
CA GLY E 123 -29.55 21.08 -12.26
C GLY E 123 -28.68 21.06 -11.01
N ALA E 124 -29.15 20.38 -9.97
CA ALA E 124 -28.46 20.31 -8.69
C ALA E 124 -27.15 19.55 -8.59
N SER E 125 -26.52 19.71 -7.43
CA SER E 125 -25.25 19.08 -7.09
C SER E 125 -25.50 18.03 -6.03
N PHE E 126 -24.80 16.90 -6.15
CA PHE E 126 -24.91 15.82 -5.16
C PHE E 126 -23.98 16.20 -4.02
N SER E 127 -24.21 17.34 -3.38
CA SER E 127 -23.31 17.77 -2.32
C SER E 127 -23.56 17.09 -1.00
N GLY E 128 -24.72 17.34 -0.39
CA GLY E 128 -25.00 16.70 0.88
C GLY E 128 -25.60 15.33 0.65
N VAL E 129 -26.06 15.11 -0.58
CA VAL E 129 -26.71 13.87 -1.00
C VAL E 129 -25.95 12.58 -0.68
N PRO E 130 -26.51 11.75 0.20
CA PRO E 130 -25.87 10.49 0.58
C PRO E 130 -25.98 9.47 -0.55
N LEU E 131 -24.90 8.75 -0.78
CA LEU E 131 -24.89 7.71 -1.80
C LEU E 131 -25.15 6.40 -1.08
N ALA E 132 -26.28 5.78 -1.38
CA ALA E 132 -26.66 4.51 -0.74
C ALA E 132 -26.22 3.27 -1.51
N SER E 133 -25.83 2.24 -0.77
CA SER E 133 -25.35 0.98 -1.35
C SER E 133 -26.40 0.07 -1.96
N VAL E 134 -25.98 -0.63 -3.01
CA VAL E 134 -26.80 -1.62 -3.71
C VAL E 134 -25.84 -2.79 -3.70
N GLU E 135 -26.07 -3.76 -2.83
CA GLU E 135 -25.14 -4.88 -2.71
C GLU E 135 -25.30 -6.01 -3.69
N PHE E 136 -24.20 -6.73 -3.90
CA PHE E 136 -24.19 -7.88 -4.76
C PHE E 136 -24.88 -8.95 -3.92
N PRO E 137 -25.40 -10.01 -4.56
CA PRO E 137 -26.09 -11.09 -3.83
C PRO E 137 -25.17 -11.84 -2.85
N GLY E 138 -25.76 -12.28 -1.74
CA GLY E 138 -25.02 -13.03 -0.73
C GLY E 138 -23.92 -12.31 0.02
N PHE E 139 -24.20 -11.09 0.46
CA PHE E 139 -23.20 -10.30 1.19
C PHE E 139 -22.92 -10.91 2.55
N ASP E 140 -23.99 -11.22 3.27
CA ASP E 140 -23.89 -11.75 4.62
C ASP E 140 -23.22 -13.11 4.78
N GLN E 141 -23.11 -13.88 3.69
CA GLN E 141 -22.44 -15.17 3.82
C GLN E 141 -20.92 -14.97 3.70
N LEU E 142 -20.52 -13.93 2.97
CA LEU E 142 -19.12 -13.62 2.76
C LEU E 142 -18.55 -12.73 3.86
N PHE E 143 -19.23 -11.60 4.08
CA PHE E 143 -18.80 -10.62 5.07
C PHE E 143 -19.56 -10.66 6.39
N GLY E 144 -20.72 -11.30 6.39
CA GLY E 144 -21.45 -11.37 7.63
C GLY E 144 -22.29 -10.14 7.89
N THR E 145 -23.30 -10.34 8.71
CA THR E 145 -24.26 -9.31 9.11
C THR E 145 -23.65 -7.96 9.52
N SER E 146 -22.80 -8.00 10.53
CA SER E 146 -22.16 -6.81 11.04
C SER E 146 -20.69 -6.71 10.59
N ALA E 147 -20.22 -5.49 10.39
CA ALA E 147 -18.85 -5.23 10.01
C ALA E 147 -17.96 -5.76 11.13
N THR E 148 -18.53 -5.80 12.34
CA THR E 148 -17.82 -6.30 13.50
C THR E 148 -17.33 -7.75 13.29
N ASP E 149 -17.72 -8.34 12.16
CA ASP E 149 -17.33 -9.69 11.81
C ASP E 149 -17.23 -9.92 10.29
N THR E 150 -16.77 -8.91 9.56
CA THR E 150 -16.62 -9.01 8.10
C THR E 150 -15.37 -9.76 7.62
N ALA E 151 -14.26 -9.56 8.33
CA ALA E 151 -12.99 -10.20 7.99
C ALA E 151 -12.90 -11.59 8.60
N ALA E 152 -14.07 -12.17 8.89
CA ALA E 152 -14.18 -13.49 9.48
C ALA E 152 -13.88 -14.60 8.49
N ASN E 153 -14.44 -14.47 7.29
CA ASN E 153 -14.26 -15.47 6.27
C ASN E 153 -13.19 -15.12 5.26
N VAL E 154 -13.01 -13.82 5.03
CA VAL E 154 -12.02 -13.33 4.09
C VAL E 154 -11.22 -12.18 4.72
N THR E 155 -9.90 -12.31 4.73
CA THR E 155 -9.06 -11.30 5.35
C THR E 155 -8.53 -10.17 4.45
N ALA E 156 -8.34 -10.45 3.17
CA ALA E 156 -7.82 -9.47 2.23
C ALA E 156 -8.42 -9.65 0.85
N PHE E 157 -8.40 -8.60 0.04
CA PHE E 157 -8.95 -8.66 -1.30
C PHE E 157 -8.08 -7.94 -2.31
N ARG E 158 -8.45 -8.07 -3.57
CA ARG E 158 -7.71 -7.50 -4.69
C ARG E 158 -8.68 -7.52 -5.86
N TYR E 159 -8.70 -6.46 -6.66
CA TYR E 159 -9.62 -6.38 -7.78
C TYR E 159 -9.06 -6.73 -9.15
N ALA E 160 -9.67 -7.71 -9.80
CA ALA E 160 -9.27 -8.16 -11.13
C ALA E 160 -10.04 -7.45 -12.25
N SER E 161 -11.32 -7.16 -12.01
CA SER E 161 -12.14 -6.46 -13.00
C SER E 161 -13.34 -5.79 -12.35
N MET E 162 -14.01 -4.94 -13.12
CA MET E 162 -15.20 -4.22 -12.68
C MET E 162 -15.81 -3.67 -13.95
N ALA E 163 -17.04 -4.04 -14.24
CA ALA E 163 -17.73 -3.58 -15.44
C ALA E 163 -19.19 -3.40 -15.10
N ALA E 164 -19.88 -2.59 -15.89
CA ALA E 164 -21.29 -2.34 -15.66
C ALA E 164 -21.99 -1.99 -16.97
N GLY E 165 -23.29 -2.24 -17.02
CA GLY E 165 -24.05 -1.95 -18.22
C GLY E 165 -25.49 -1.64 -17.87
N VAL E 166 -26.07 -0.67 -18.56
CA VAL E 166 -27.46 -0.28 -18.32
C VAL E 166 -28.28 -0.64 -19.54
N TYR E 167 -29.09 -1.68 -19.44
CA TYR E 167 -29.93 -2.15 -20.55
C TYR E 167 -31.35 -1.64 -20.39
N PRO E 168 -31.73 -0.63 -21.19
CA PRO E 168 -33.07 -0.03 -21.14
C PRO E 168 -34.21 -0.97 -21.54
N THR E 169 -35.32 -0.85 -20.81
CA THR E 169 -36.51 -1.65 -21.06
C THR E 169 -37.73 -0.74 -21.23
N SER E 170 -37.47 0.49 -21.65
CA SER E 170 -38.49 1.49 -21.88
C SER E 170 -38.94 1.39 -23.34
N ASN E 171 -40.12 1.92 -23.67
CA ASN E 171 -40.58 1.88 -25.06
C ASN E 171 -40.06 3.10 -25.81
N LEU E 172 -39.94 3.00 -27.12
CA LEU E 172 -39.40 4.08 -27.93
C LEU E 172 -40.26 5.34 -28.02
N MET E 173 -41.47 5.29 -27.45
CA MET E 173 -42.39 6.41 -27.50
C MET E 173 -42.48 7.20 -26.21
N GLN E 174 -41.84 6.71 -25.15
CA GLN E 174 -41.91 7.42 -23.88
C GLN E 174 -40.61 7.80 -23.20
N PHE E 175 -39.52 7.16 -23.58
CA PHE E 175 -38.22 7.46 -22.99
C PHE E 175 -37.84 8.87 -23.40
N ALA E 176 -36.81 9.39 -22.76
CA ALA E 176 -36.28 10.71 -23.05
C ALA E 176 -35.17 10.91 -22.04
N GLY E 177 -34.01 11.38 -22.48
CA GLY E 177 -32.92 11.58 -21.55
C GLY E 177 -31.59 11.14 -22.10
N SER E 178 -30.57 11.13 -21.24
CA SER E 178 -29.24 10.77 -21.65
C SER E 178 -28.48 9.98 -20.61
N ILE E 179 -27.56 9.14 -21.07
CA ILE E 179 -26.71 8.38 -20.19
C ILE E 179 -25.32 8.91 -20.49
N GLN E 180 -24.61 9.33 -19.45
CA GLN E 180 -23.27 9.85 -19.61
C GLN E 180 -22.38 9.10 -18.64
N VAL E 181 -21.20 8.72 -19.11
CA VAL E 181 -20.27 7.96 -18.29
C VAL E 181 -18.89 8.61 -18.30
N TYR E 182 -18.21 8.53 -17.17
CA TYR E 182 -16.86 9.04 -17.01
C TYR E 182 -16.32 8.30 -15.79
N LYS E 183 -15.03 8.44 -15.49
CA LYS E 183 -14.44 7.73 -14.36
C LYS E 183 -13.92 8.68 -13.29
N ILE E 184 -14.10 8.31 -12.02
CA ILE E 184 -13.64 9.09 -10.89
C ILE E 184 -12.51 8.32 -10.18
N PRO E 185 -11.35 8.98 -9.97
CA PRO E 185 -10.20 8.36 -9.32
C PRO E 185 -10.22 8.50 -7.81
N LEU E 186 -11.28 8.00 -7.17
CA LEU E 186 -11.38 8.13 -5.73
C LEU E 186 -10.51 7.14 -4.98
N LYS E 187 -9.74 7.68 -4.05
CA LYS E 187 -8.84 6.91 -3.20
C LYS E 187 -9.14 7.19 -1.73
N GLN E 188 -8.97 6.18 -0.89
CA GLN E 188 -9.21 6.25 0.55
C GLN E 188 -8.05 6.91 1.33
N VAL E 189 -8.39 7.80 2.27
CA VAL E 189 -7.40 8.52 3.08
C VAL E 189 -7.77 8.49 4.54
N LEU E 190 -6.82 8.84 5.40
CA LEU E 190 -7.05 8.94 6.85
C LEU E 190 -6.93 10.43 7.14
N ASN E 191 -8.07 11.10 7.20
CA ASN E 191 -8.09 12.53 7.44
C ASN E 191 -8.07 12.90 8.92
N SER E 192 -7.69 14.15 9.19
CA SER E 192 -7.60 14.65 10.54
C SER E 192 -8.63 15.74 10.82
N TYR E 193 -9.09 15.77 12.07
CA TYR E 193 -10.04 16.75 12.56
C TYR E 193 -9.85 16.86 14.07
N SER E 194 -10.20 18.00 14.64
CA SER E 194 -10.05 18.22 16.08
C SER E 194 -11.46 18.33 16.66
N GLN E 195 -11.73 17.55 17.70
CA GLN E 195 -13.04 17.55 18.32
C GLN E 195 -12.91 17.95 19.78
N THR E 196 -13.56 19.04 20.16
CA THR E 196 -13.49 19.51 21.53
C THR E 196 -14.55 18.82 22.38
N VAL E 197 -14.10 18.02 23.33
CA VAL E 197 -14.99 17.30 24.23
C VAL E 197 -15.25 18.19 25.45
N ALA E 198 -16.51 18.27 25.86
CA ALA E 198 -16.89 19.08 27.02
C ALA E 198 -16.41 18.39 28.29
N THR E 199 -15.77 19.14 29.18
CA THR E 199 -15.26 18.60 30.43
C THR E 199 -15.21 19.77 31.38
N VAL E 200 -14.48 19.64 32.51
CA VAL E 200 -14.36 20.76 33.44
C VAL E 200 -13.79 21.82 32.48
N PRO E 201 -12.48 21.79 32.16
CA PRO E 201 -12.14 22.83 31.18
C PRO E 201 -12.31 21.99 29.92
N PRO E 202 -13.06 22.48 28.92
CA PRO E 202 -13.20 21.63 27.73
C PRO E 202 -11.84 21.16 27.17
N THR E 203 -11.83 19.97 26.58
CA THR E 203 -10.61 19.41 26.03
C THR E 203 -10.72 19.22 24.52
N ASN E 204 -9.60 19.33 23.82
CA ASN E 204 -9.57 19.16 22.37
C ASN E 204 -8.88 17.83 22.07
N LEU E 205 -9.54 17.00 21.28
CA LEU E 205 -8.97 15.71 20.92
C LEU E 205 -8.53 15.74 19.47
N ALA E 206 -7.30 15.29 19.21
CA ALA E 206 -6.82 15.24 17.84
C ALA E 206 -7.35 13.92 17.30
N GLN E 207 -8.37 14.00 16.45
CA GLN E 207 -9.03 12.82 15.91
C GLN E 207 -8.73 12.52 14.43
N ASN E 208 -8.92 11.25 14.06
CA ASN E 208 -8.71 10.76 12.70
C ASN E 208 -10.05 10.16 12.26
N THR E 209 -10.17 9.95 10.96
CA THR E 209 -11.37 9.36 10.39
C THR E 209 -11.00 8.90 9.00
N ILE E 210 -11.54 7.77 8.60
CA ILE E 210 -11.26 7.27 7.28
C ILE E 210 -12.23 7.97 6.34
N ALA E 211 -11.72 8.51 5.24
CA ALA E 211 -12.56 9.20 4.28
C ALA E 211 -12.16 8.83 2.86
N ILE E 212 -12.92 9.29 1.88
CA ILE E 212 -12.64 9.00 0.47
C ILE E 212 -12.51 10.29 -0.34
N ASP E 213 -11.37 10.44 -1.01
CA ASP E 213 -11.06 11.61 -1.84
C ASP E 213 -11.70 11.63 -3.21
N GLY E 214 -11.78 12.82 -3.80
CA GLY E 214 -12.33 12.95 -5.14
C GLY E 214 -13.80 12.77 -5.38
N LEU E 215 -14.62 12.82 -4.32
CA LEU E 215 -16.05 12.66 -4.48
C LEU E 215 -16.71 13.88 -5.12
N GLU E 216 -15.97 14.99 -5.18
CA GLU E 216 -16.49 16.21 -5.78
C GLU E 216 -16.82 15.93 -7.24
N ALA E 217 -16.07 14.99 -7.82
CA ALA E 217 -16.23 14.60 -9.21
C ALA E 217 -17.65 14.17 -9.60
N LEU E 218 -18.54 14.00 -8.62
CA LEU E 218 -19.92 13.60 -8.90
C LEU E 218 -20.63 14.67 -9.72
N ASP E 219 -20.24 15.93 -9.48
CA ASP E 219 -20.82 17.07 -10.19
C ASP E 219 -20.12 17.39 -11.50
N ALA E 220 -19.05 16.66 -11.80
CA ALA E 220 -18.30 16.93 -13.02
C ALA E 220 -18.65 16.09 -14.23
N LEU E 221 -18.38 16.67 -15.39
CA LEU E 221 -18.57 16.02 -16.67
C LEU E 221 -17.25 16.30 -17.37
N PRO E 222 -16.23 15.45 -17.10
CA PRO E 222 -14.88 15.55 -17.66
C PRO E 222 -14.91 15.61 -19.16
N ASN E 223 -13.75 15.90 -19.76
CA ASN E 223 -13.64 15.94 -21.21
C ASN E 223 -13.48 14.50 -21.73
N ASN E 224 -13.58 13.54 -20.81
CA ASN E 224 -13.45 12.11 -21.07
C ASN E 224 -14.78 11.46 -20.75
N ASN E 225 -15.86 11.88 -21.39
CA ASN E 225 -17.15 11.28 -21.09
C ASN E 225 -17.86 10.73 -22.29
N TYR E 226 -18.82 9.86 -22.04
CA TYR E 226 -19.64 9.28 -23.08
C TYR E 226 -21.01 9.89 -22.88
N SER E 227 -21.49 10.66 -23.85
CA SER E 227 -22.82 11.21 -23.76
C SER E 227 -23.59 10.55 -24.88
N GLY E 228 -24.77 10.03 -24.55
CA GLY E 228 -25.58 9.37 -25.54
C GLY E 228 -27.04 9.38 -25.12
N SER E 229 -27.92 8.94 -26.00
CA SER E 229 -29.35 8.89 -25.70
C SER E 229 -29.56 7.81 -24.65
N PHE E 230 -30.67 7.89 -23.94
CA PHE E 230 -30.99 6.92 -22.92
C PHE E 230 -31.32 5.57 -23.53
N ILE E 231 -31.94 5.61 -24.70
CA ILE E 231 -32.35 4.40 -25.38
C ILE E 231 -31.23 3.42 -25.70
N GLU E 232 -29.98 3.89 -25.71
CA GLU E 232 -28.85 3.03 -25.96
C GLU E 232 -28.05 3.09 -24.68
N GLY E 233 -28.44 2.28 -23.71
CA GLY E 233 -27.73 2.26 -22.45
C GLY E 233 -26.26 2.07 -22.70
N CYS E 234 -25.46 2.27 -21.68
CA CYS E 234 -24.04 2.12 -21.80
C CYS E 234 -23.52 0.75 -21.38
N TYR E 235 -22.20 0.64 -21.50
CA TYR E 235 -21.43 -0.52 -21.09
C TYR E 235 -20.06 0.08 -20.87
N SER E 236 -19.51 -0.07 -19.68
CA SER E 236 -18.20 0.47 -19.38
C SER E 236 -17.52 -0.45 -18.40
N GLN E 237 -16.20 -0.36 -18.34
CA GLN E 237 -15.40 -1.16 -17.45
C GLN E 237 -14.19 -0.33 -17.08
N SER E 238 -13.67 -0.51 -15.87
CA SER E 238 -12.49 0.22 -15.47
C SER E 238 -11.37 -0.78 -15.26
N VAL E 239 -10.15 -0.28 -15.23
CA VAL E 239 -8.97 -1.12 -15.04
C VAL E 239 -8.15 -0.60 -13.87
N CYS E 240 -7.22 -1.42 -13.41
CA CYS E 240 -6.36 -1.10 -12.28
C CYS E 240 -5.68 0.25 -12.44
N ASN E 241 -5.76 1.07 -11.40
CA ASN E 241 -5.18 2.41 -11.39
C ASN E 241 -3.90 2.48 -10.56
N GLU E 242 -3.14 1.39 -10.56
CA GLU E 242 -1.93 1.30 -9.78
C GLU E 242 -0.93 0.46 -10.55
N PRO E 243 0.37 0.70 -10.35
CA PRO E 243 1.39 -0.08 -11.05
C PRO E 243 1.27 -1.58 -10.77
N GLU E 244 0.86 -1.95 -9.56
CA GLU E 244 0.75 -3.36 -9.21
C GLU E 244 -0.56 -3.67 -8.51
N PHE E 245 -1.00 -4.92 -8.65
CA PHE E 245 -2.23 -5.42 -8.03
C PHE E 245 -1.93 -5.88 -6.61
N GLU E 246 -2.11 -4.99 -5.63
CA GLU E 246 -1.82 -5.39 -4.26
C GLU E 246 -3.03 -5.72 -3.39
N PHE E 247 -2.78 -6.53 -2.37
CA PHE E 247 -3.83 -6.96 -1.45
C PHE E 247 -4.17 -5.93 -0.40
N HIS E 248 -5.47 -5.76 -0.18
CA HIS E 248 -5.96 -4.81 0.83
C HIS E 248 -6.70 -5.61 1.86
N PRO E 249 -6.62 -5.19 3.14
CA PRO E 249 -7.29 -5.89 4.23
C PRO E 249 -8.77 -5.51 4.27
N ILE E 250 -9.59 -6.41 4.79
CA ILE E 250 -11.02 -6.15 4.89
C ILE E 250 -11.35 -5.46 6.20
N MET E 251 -11.83 -4.22 6.08
CA MET E 251 -12.18 -3.38 7.21
C MET E 251 -13.45 -3.71 7.97
N GLU E 252 -13.30 -3.72 9.29
CA GLU E 252 -14.40 -4.03 10.17
C GLU E 252 -14.84 -2.79 10.95
N GLY E 253 -16.11 -2.74 11.29
CA GLY E 253 -16.67 -1.62 12.04
C GLY E 253 -17.16 -0.44 11.24
N TYR E 254 -17.01 -0.47 9.92
CA TYR E 254 -17.44 0.64 9.09
C TYR E 254 -18.81 0.47 8.44
N ALA E 255 -19.80 1.20 8.94
CA ALA E 255 -21.17 1.12 8.41
C ALA E 255 -21.50 2.19 7.36
N SER E 256 -20.69 3.25 7.34
CA SER E 256 -20.83 4.35 6.38
C SER E 256 -19.40 4.80 6.16
N VAL E 257 -19.08 5.46 5.05
CA VAL E 257 -17.70 5.88 4.87
C VAL E 257 -17.29 6.83 5.94
N PRO E 258 -17.85 8.05 6.00
CA PRO E 258 -17.37 8.82 7.16
C PRO E 258 -18.13 8.05 8.25
N PRO E 259 -17.42 7.22 9.04
CA PRO E 259 -18.04 6.41 10.09
C PRO E 259 -18.99 7.10 11.05
N ALA E 260 -19.78 6.28 11.75
CA ALA E 260 -20.77 6.75 12.70
C ALA E 260 -20.20 7.77 13.68
N ASN E 261 -20.93 8.87 13.84
CA ASN E 261 -20.58 9.97 14.73
C ASN E 261 -19.55 10.97 14.17
N VAL E 262 -19.30 10.88 12.86
CA VAL E 262 -18.39 11.79 12.18
C VAL E 262 -19.18 12.48 11.08
N THR E 263 -19.01 13.80 10.98
CA THR E 263 -19.73 14.56 9.98
C THR E 263 -18.84 14.67 8.75
N ASN E 264 -19.45 14.78 7.58
CA ASN E 264 -18.72 14.91 6.32
C ASN E 264 -17.63 15.95 6.49
N ALA E 265 -18.00 17.06 7.13
CA ALA E 265 -17.08 18.16 7.38
C ALA E 265 -15.86 17.75 8.22
N GLN E 266 -16.06 16.88 9.21
CA GLN E 266 -14.97 16.43 10.06
C GLN E 266 -14.09 15.49 9.24
N ALA E 267 -14.74 14.61 8.47
CA ALA E 267 -14.07 13.66 7.62
C ALA E 267 -13.51 14.34 6.37
N SER E 268 -13.65 15.66 6.33
CA SER E 268 -13.18 16.48 5.22
C SER E 268 -13.62 15.98 3.85
N MET E 269 -14.81 15.40 3.76
CA MET E 269 -15.31 14.92 2.47
C MET E 269 -16.62 15.54 1.96
N PHE E 270 -16.74 15.52 0.63
CA PHE E 270 -17.86 16.05 -0.15
C PHE E 270 -19.26 15.61 0.26
N THR E 271 -19.53 14.31 0.15
CA THR E 271 -20.82 13.75 0.51
C THR E 271 -20.49 12.44 1.22
N ASN E 272 -21.49 11.72 1.72
CA ASN E 272 -21.19 10.48 2.41
C ASN E 272 -21.72 9.24 1.72
N LEU E 273 -21.14 8.09 2.03
CA LEU E 273 -21.57 6.82 1.45
C LEU E 273 -22.20 5.99 2.56
N THR E 274 -23.43 5.54 2.35
CA THR E 274 -24.15 4.75 3.35
C THR E 274 -24.38 3.31 2.87
N PHE E 275 -24.15 2.36 3.77
CA PHE E 275 -24.34 0.94 3.50
C PHE E 275 -25.30 0.48 4.58
N SER E 276 -26.46 -0.03 4.19
CA SER E 276 -27.44 -0.46 5.18
C SER E 276 -27.39 -1.92 5.64
N GLY E 277 -27.53 -2.85 4.72
CA GLY E 277 -27.48 -4.25 5.12
C GLY E 277 -26.08 -4.78 4.92
N ALA E 278 -25.19 -3.86 4.57
CA ALA E 278 -23.81 -4.17 4.32
C ALA E 278 -22.98 -3.26 5.20
N ARG E 279 -21.73 -3.09 4.82
CA ARG E 279 -20.81 -2.25 5.55
C ARG E 279 -19.65 -1.94 4.61
N TYR E 280 -18.97 -0.81 4.83
CA TYR E 280 -17.83 -0.45 4.01
C TYR E 280 -16.74 -1.44 4.34
N THR E 281 -16.36 -2.25 3.36
CA THR E 281 -15.32 -3.26 3.52
C THR E 281 -13.93 -2.79 3.11
N GLY E 282 -13.87 -1.80 2.23
CA GLY E 282 -12.60 -1.28 1.76
C GLY E 282 -12.75 -0.75 0.35
N LEU E 283 -11.67 -0.20 -0.19
CA LEU E 283 -11.69 0.33 -1.55
C LEU E 283 -10.57 -0.37 -2.31
N GLY E 284 -10.89 -0.83 -3.52
CA GLY E 284 -9.92 -1.52 -4.35
C GLY E 284 -9.13 -0.53 -5.20
N ASP E 285 -8.28 -1.04 -6.09
CA ASP E 285 -7.47 -0.17 -6.94
C ASP E 285 -8.01 0.00 -8.36
N MET E 286 -9.24 0.48 -8.45
CA MET E 286 -9.88 0.72 -9.74
C MET E 286 -10.52 2.10 -9.67
N ASP E 287 -10.72 2.69 -10.84
CA ASP E 287 -11.38 3.98 -10.88
C ASP E 287 -12.86 3.68 -10.89
N ALA E 288 -13.64 4.47 -10.17
CA ALA E 288 -15.09 4.24 -10.12
C ALA E 288 -15.72 4.63 -11.45
N ILE E 289 -16.66 3.82 -11.91
CA ILE E 289 -17.35 4.11 -13.15
C ILE E 289 -18.58 4.90 -12.71
N ALA E 290 -18.70 6.14 -13.18
CA ALA E 290 -19.83 6.97 -12.80
C ALA E 290 -20.82 7.09 -13.94
N ILE E 291 -22.01 6.52 -13.74
CA ILE E 291 -23.06 6.56 -14.75
C ILE E 291 -24.14 7.54 -14.30
N LEU E 292 -24.28 8.63 -15.06
CA LEU E 292 -25.27 9.65 -14.77
C LEU E 292 -26.42 9.56 -15.76
N VAL E 293 -27.53 8.98 -15.31
CA VAL E 293 -28.72 8.86 -16.13
C VAL E 293 -29.60 10.03 -15.75
N THR E 294 -29.93 10.86 -16.73
CA THR E 294 -30.75 12.03 -16.47
C THR E 294 -32.11 12.00 -17.18
N THR E 295 -33.15 11.71 -16.41
CA THR E 295 -34.52 11.62 -16.90
C THR E 295 -35.27 12.93 -16.72
N PRO E 296 -35.71 13.55 -17.83
CA PRO E 296 -36.45 14.80 -17.79
C PRO E 296 -37.87 14.55 -17.31
N THR E 297 -38.57 15.62 -17.00
CA THR E 297 -39.95 15.53 -16.54
C THR E 297 -40.85 14.89 -17.58
N GLY E 298 -41.67 13.94 -17.12
CA GLY E 298 -42.61 13.26 -17.99
C GLY E 298 -42.08 12.09 -18.79
N ALA E 299 -40.81 11.75 -18.59
CA ALA E 299 -40.23 10.62 -19.31
C ALA E 299 -40.27 9.36 -18.49
N VAL E 300 -40.65 8.26 -19.13
CA VAL E 300 -40.70 6.96 -18.49
C VAL E 300 -39.38 6.28 -18.87
N ASN E 301 -38.41 6.30 -17.96
CA ASN E 301 -37.11 5.70 -18.25
C ASN E 301 -36.86 4.54 -17.30
N THR E 302 -36.89 3.33 -17.81
CA THR E 302 -36.62 2.15 -16.99
C THR E 302 -35.55 1.32 -17.70
N ALA E 303 -34.75 0.58 -16.94
CA ALA E 303 -33.69 -0.24 -17.49
C ALA E 303 -33.30 -1.34 -16.53
N VAL E 304 -32.34 -2.16 -16.93
CA VAL E 304 -31.84 -3.25 -16.10
C VAL E 304 -30.34 -3.01 -15.98
N LEU E 305 -29.88 -2.88 -14.75
CA LEU E 305 -28.47 -2.64 -14.47
C LEU E 305 -27.78 -3.97 -14.20
N LYS E 306 -26.61 -4.17 -14.80
CA LYS E 306 -25.83 -5.38 -14.59
C LYS E 306 -24.42 -4.97 -14.24
N VAL E 307 -23.91 -5.47 -13.12
CA VAL E 307 -22.56 -5.16 -12.67
C VAL E 307 -21.76 -6.45 -12.53
N TRP E 308 -20.51 -6.44 -12.99
CA TRP E 308 -19.65 -7.61 -12.93
C TRP E 308 -18.36 -7.22 -12.23
N ALA E 309 -17.83 -8.11 -11.39
CA ALA E 309 -16.61 -7.81 -10.68
C ALA E 309 -15.93 -9.07 -10.14
N CYS E 310 -14.70 -9.32 -10.59
CA CYS E 310 -13.95 -10.49 -10.13
C CYS E 310 -12.97 -10.01 -9.09
N VAL E 311 -13.14 -10.52 -7.87
CA VAL E 311 -12.28 -10.14 -6.78
C VAL E 311 -11.53 -11.39 -6.30
N GLU E 312 -10.24 -11.24 -6.05
CA GLU E 312 -9.44 -12.33 -5.53
C GLU E 312 -9.41 -12.10 -4.04
N TYR E 313 -9.91 -13.05 -3.27
CA TYR E 313 -9.93 -12.93 -1.81
C TYR E 313 -9.01 -13.97 -1.18
N ARG E 314 -8.33 -13.58 -0.11
CA ARG E 314 -7.48 -14.51 0.61
C ARG E 314 -8.39 -15.17 1.63
N PRO E 315 -8.73 -16.46 1.42
CA PRO E 315 -9.61 -17.24 2.29
C PRO E 315 -9.01 -17.56 3.65
N ASN E 316 -9.87 -17.50 4.66
CA ASN E 316 -9.52 -17.78 6.04
C ASN E 316 -9.78 -19.28 6.21
N PRO E 317 -8.83 -20.03 6.80
CA PRO E 317 -8.96 -21.48 7.04
C PRO E 317 -10.22 -21.86 7.81
N ASN E 318 -10.81 -20.86 8.44
CA ASN E 318 -12.00 -20.99 9.25
C ASN E 318 -13.32 -20.93 8.47
N SER E 319 -13.27 -20.58 7.19
CA SER E 319 -14.48 -20.46 6.38
C SER E 319 -14.90 -21.71 5.65
N THR E 320 -16.11 -21.68 5.07
CA THR E 320 -16.64 -22.80 4.30
C THR E 320 -16.03 -22.78 2.90
N LEU E 321 -15.93 -21.60 2.30
CA LEU E 321 -15.38 -21.52 0.97
C LEU E 321 -13.86 -21.66 0.83
N TYR E 322 -13.16 -21.94 1.93
CA TYR E 322 -11.69 -22.13 1.88
C TYR E 322 -11.39 -23.33 1.00
N GLU E 323 -12.31 -24.29 1.01
CA GLU E 323 -12.21 -25.52 0.24
C GLU E 323 -12.17 -25.25 -1.27
N PHE E 324 -12.78 -24.15 -1.70
CA PHE E 324 -12.85 -23.77 -3.11
C PHE E 324 -11.70 -22.88 -3.55
N ALA E 325 -10.79 -22.57 -2.64
CA ALA E 325 -9.66 -21.71 -2.95
C ALA E 325 -8.64 -22.43 -3.82
N ARG E 326 -8.08 -21.69 -4.77
CA ARG E 326 -7.09 -22.21 -5.70
C ARG E 326 -5.98 -21.19 -5.79
N GLU E 327 -4.80 -21.62 -6.21
CA GLU E 327 -3.67 -20.72 -6.32
C GLU E 327 -3.81 -19.70 -7.44
N SER E 328 -3.43 -18.45 -7.17
CA SER E 328 -3.50 -17.40 -8.17
C SER E 328 -2.64 -17.88 -9.34
N PRO E 329 -3.10 -17.64 -10.57
CA PRO E 329 -2.35 -18.07 -11.75
C PRO E 329 -0.96 -17.47 -11.79
N ALA E 330 -0.09 -18.19 -12.50
CA ALA E 330 1.30 -17.82 -12.68
C ALA E 330 1.42 -16.56 -13.50
N ASN E 331 2.44 -15.77 -13.18
CA ASN E 331 2.71 -14.51 -13.86
C ASN E 331 2.79 -14.65 -15.37
N ASP E 332 1.97 -13.88 -16.08
CA ASP E 332 1.95 -13.88 -17.54
C ASP E 332 2.22 -12.44 -17.94
N GLU E 333 3.50 -12.13 -18.10
CA GLU E 333 3.90 -10.77 -18.45
C GLU E 333 3.28 -10.30 -19.77
N TYR E 334 2.93 -11.24 -20.64
CA TYR E 334 2.33 -10.89 -21.91
C TYR E 334 0.87 -10.54 -21.73
N ALA E 335 0.17 -11.26 -20.85
CA ALA E 335 -1.25 -10.98 -20.60
C ALA E 335 -1.37 -9.59 -19.99
N LEU E 336 -0.50 -9.31 -19.02
CA LEU E 336 -0.48 -8.03 -18.34
C LEU E 336 -0.12 -6.90 -19.30
N ALA E 337 0.70 -7.22 -20.30
CA ALA E 337 1.14 -6.26 -21.30
C ALA E 337 0.00 -5.88 -22.25
N ALA E 338 -0.80 -6.88 -22.61
CA ALA E 338 -1.94 -6.66 -23.49
C ALA E 338 -3.02 -5.89 -22.73
N TYR E 339 -3.12 -6.18 -21.42
CA TYR E 339 -4.08 -5.55 -20.53
C TYR E 339 -3.98 -4.03 -20.60
N ARG E 340 -2.74 -3.53 -20.58
CA ARG E 340 -2.48 -2.10 -20.62
C ARG E 340 -2.74 -1.47 -21.98
N LYS E 341 -2.47 -2.20 -23.06
CA LYS E 341 -2.70 -1.68 -24.40
C LYS E 341 -4.19 -1.66 -24.69
N ILE E 342 -4.83 -2.81 -24.55
CA ILE E 342 -6.27 -2.93 -24.80
C ILE E 342 -7.03 -1.88 -24.00
N ALA E 343 -6.54 -1.58 -22.80
CA ALA E 343 -7.16 -0.61 -21.94
C ALA E 343 -7.02 0.83 -22.42
N ARG E 344 -5.99 1.08 -23.22
CA ARG E 344 -5.70 2.42 -23.75
C ARG E 344 -6.50 2.82 -24.98
N ASP E 345 -6.67 1.88 -25.90
CA ASP E 345 -7.39 2.12 -27.15
C ASP E 345 -8.90 1.93 -27.03
N ILE E 346 -9.29 1.37 -25.90
CA ILE E 346 -10.67 1.11 -25.56
C ILE E 346 -11.43 2.43 -25.34
N PRO E 347 -12.72 2.48 -25.70
CA PRO E 347 -13.48 3.72 -25.50
C PRO E 347 -13.85 3.88 -24.02
N ILE E 348 -14.15 5.11 -23.61
CA ILE E 348 -14.51 5.39 -22.23
C ILE E 348 -15.70 4.51 -21.80
N ALA E 349 -16.67 4.40 -22.71
CA ALA E 349 -17.87 3.60 -22.51
C ALA E 349 -18.45 3.36 -23.89
N VAL E 350 -19.27 2.34 -24.02
CA VAL E 350 -19.87 1.99 -25.29
C VAL E 350 -21.36 1.80 -25.08
N ALA E 351 -22.10 1.74 -26.18
CA ALA E 351 -23.53 1.54 -26.12
C ALA E 351 -23.81 0.06 -25.89
N CYS E 352 -25.02 -0.23 -25.41
CA CYS E 352 -25.46 -1.58 -25.10
C CYS E 352 -25.06 -2.67 -26.08
N LYS E 353 -25.48 -2.51 -27.33
CA LYS E 353 -25.22 -3.45 -28.41
C LYS E 353 -23.78 -3.87 -28.64
N ASP E 354 -22.82 -3.05 -28.18
CA ASP E 354 -21.41 -3.36 -28.42
C ASP E 354 -20.63 -3.90 -27.22
N ASN E 355 -21.33 -4.55 -26.29
CA ASN E 355 -20.69 -5.10 -25.12
C ASN E 355 -20.20 -6.54 -25.33
N ALA F 1 -17.61 -7.06 -32.75
CA ALA F 1 -18.90 -6.39 -32.38
C ALA F 1 -18.91 -6.43 -30.86
N THR F 2 -19.02 -7.65 -30.32
CA THR F 2 -18.99 -7.85 -28.89
C THR F 2 -17.66 -7.28 -28.44
N PHE F 3 -17.61 -6.78 -27.22
CA PHE F 3 -16.38 -6.23 -26.73
C PHE F 3 -15.25 -7.22 -26.86
N TRP F 4 -15.54 -8.51 -26.84
CA TRP F 4 -14.49 -9.50 -26.97
C TRP F 4 -13.89 -9.50 -28.37
N GLU F 5 -14.74 -9.49 -29.39
CA GLU F 5 -14.28 -9.47 -30.78
C GLU F 5 -13.47 -8.20 -31.00
N ARG F 6 -13.96 -7.11 -30.40
CA ARG F 6 -13.32 -5.81 -30.49
C ARG F 6 -11.97 -5.82 -29.78
N VAL F 7 -11.91 -6.44 -28.62
CA VAL F 7 -10.68 -6.55 -27.84
C VAL F 7 -9.61 -7.26 -28.66
N ARG F 8 -10.01 -8.36 -29.28
CA ARG F 8 -9.09 -9.16 -30.09
C ARG F 8 -8.40 -8.42 -31.22
N SER F 9 -9.14 -7.63 -32.00
CA SER F 9 -8.52 -6.90 -33.10
C SER F 9 -7.45 -5.89 -32.62
N ILE F 10 -7.59 -5.39 -31.39
CA ILE F 10 -6.61 -4.46 -30.82
C ILE F 10 -5.38 -5.28 -30.48
N LEU F 11 -5.64 -6.35 -29.76
CA LEU F 11 -4.63 -7.30 -29.31
C LEU F 11 -3.95 -7.95 -30.51
N LYS F 12 -4.75 -8.19 -31.55
CA LYS F 12 -4.29 -8.86 -32.75
C LYS F 12 -3.67 -7.97 -33.83
N SER F 13 -3.90 -6.66 -33.78
CA SER F 13 -3.31 -5.76 -34.77
C SER F 13 -1.78 -5.74 -34.59
N GLY F 14 -1.33 -6.14 -33.40
CA GLY F 14 0.10 -6.17 -33.10
C GLY F 14 0.40 -5.49 -31.79
N LEU F 15 0.22 -6.22 -30.69
CA LEU F 15 0.46 -5.70 -29.34
C LEU F 15 1.94 -5.32 -29.07
N ASN F 16 2.85 -6.02 -29.75
CA ASN F 16 4.29 -5.83 -29.55
C ASN F 16 4.95 -4.72 -30.36
N PHE F 17 5.86 -4.01 -29.70
CA PHE F 17 6.60 -2.90 -30.30
C PHE F 17 7.50 -2.26 -29.22
#